data_6H7Y
#
_entry.id   6H7Y
#
_cell.length_a   102.258
_cell.length_b   131.376
_cell.length_c   159.874
_cell.angle_alpha   90.00
_cell.angle_beta   90.00
_cell.angle_gamma   90.00
#
_symmetry.space_group_name_H-M   'I 2 2 2'
#
loop_
_entity.id
_entity.type
_entity.pdbx_description
1 polymer 'Glutamate carboxypeptidase 2'
2 branched 2-acetamido-2-deoxy-beta-D-glucopyranose-(1-4)-2-acetamido-2-deoxy-beta-D-glucopyranose
3 branched alpha-D-mannopyranose-(1-3)-beta-D-mannopyranose-(1-4)-2-acetamido-2-deoxy-beta-D-glucopyranose-(1-4)-2-acetamido-2-deoxy-beta-D-glucopyranose
4 branched alpha-D-mannopyranose-(1-3)-[alpha-D-mannopyranose-(1-6)]beta-D-mannopyranose-(1-4)-2-acetamido-2-deoxy-beta-D-glucopyranose-(1-4)-2-acetamido-2-deoxy-beta-D-glucopyranose
5 non-polymer 2-acetamido-2-deoxy-beta-D-glucopyranose
6 non-polymer 'ZINC ION'
7 non-polymer 'CALCIUM ION'
8 non-polymer 'CHLORIDE ION'
9 non-polymer 1,2-ETHANEDIOL
10 non-polymer TRIS(HYDROXYETHYL)AMINOMETHANE
11 non-polymer DI(HYDROXYETHYL)ETHER
12 non-polymer 'TRIETHYLENE GLYCOL'
13 non-polymer '(2~{S})-2-[[(2~{S})-6-[(4-fluorophenyl)amino]-1-oxidanyl-1,6-bis(oxidanylidene)hexan-2-yl]carbamoylamino]pentanedioic acid'
14 water water
#
_entity_poly.entity_id   1
_entity_poly.type   'polypeptide(L)'
_entity_poly.pdbx_seq_one_letter_code
;KSSNEATNITPKHNMKAFLDELKAENIKKFLYNFTQIPHLAGTEQNFQLAKQIQSQWKEFGLDSVELAHYDVLLSYPNKT
HPNYISIINEDGNEIFNTSLFEPPPPGYENVSDIVPPFSAFSPQGMPEGDLVYVNYARTEDFFKLERDMKINCSGKIVIA
RYGKVFRGNKVKNAQLAGAKGVILYSDPADYFAPGVKSYPDGWNLPGGGVQRGNILNLNGAGDPLTPGYPANEYAYRRGI
AEAVGLPSIPVHPIGYYDAQKLLEKMGGSAPPDSSWRGSLKVPYNVGPGFTGNFSTQKVKMHIHSTNEVTRIYNVIGTLR
GAVEPDRYVILGGHRDSWVFGGIDPQSGAAVVHEIVRSFGTLKKEGWRPRRTILFASWDAEEFGLLGSTEWAEENSRLLQ
ERGVAYINADSSIEGNYTLRVDCTPLMYSLVHNLTKELKSPDEGFEGKSLYESWTKKSPSPEFSGMPRISKLGSGNDFEV
FFQRLGIASGRARYTKNWETNKFSGYPLYHSVYETYELVEKFYDPMFKYHLTVAQVRGGMVFELANSIVLPFDCRDYAVV
LRKYADKIYSISMKHPQEMKTYSVSFDSLFSAVKNFTEIASKFSERLQDFDKSNPIVLRMMNDQLMFLERAFIDPLGLPD
RPFYRHVIYAPSSHNKYAGESFPGIYDALFDIESKVDPSKAWGEVKRQIYVAAFTVQAAAETLSEVA
;
_entity_poly.pdbx_strand_id   A
#
# COMPACT_ATOMS: atom_id res chain seq x y z
N LYS A 12 -26.34 -25.79 -8.81
CA LYS A 12 -25.63 -25.08 -9.91
C LYS A 12 -24.24 -24.59 -9.47
N HIS A 13 -23.36 -24.37 -10.45
CA HIS A 13 -22.07 -23.70 -10.24
C HIS A 13 -22.25 -22.21 -10.49
N ASN A 14 -22.49 -21.48 -9.40
CA ASN A 14 -22.70 -20.04 -9.45
C ASN A 14 -21.90 -19.42 -8.31
N MET A 15 -22.06 -18.11 -8.09
N MET A 15 -22.04 -18.11 -8.07
CA MET A 15 -21.34 -17.39 -7.02
CA MET A 15 -21.25 -17.51 -7.00
C MET A 15 -21.66 -17.95 -5.63
C MET A 15 -21.62 -18.11 -5.65
N LYS A 16 -22.92 -18.35 -5.42
CA LYS A 16 -23.34 -18.91 -4.12
C LYS A 16 -22.64 -20.25 -3.81
N ALA A 17 -22.47 -21.13 -4.80
CA ALA A 17 -21.69 -22.33 -4.56
C ALA A 17 -20.24 -22.04 -4.17
N PHE A 18 -19.62 -21.08 -4.84
CA PHE A 18 -18.25 -20.65 -4.51
C PHE A 18 -18.17 -20.16 -3.08
N LEU A 19 -19.05 -19.21 -2.74
CA LEU A 19 -19.04 -18.59 -1.44
C LEU A 19 -19.34 -19.53 -0.26
N ASP A 20 -20.31 -20.43 -0.45
CA ASP A 20 -20.66 -21.43 0.60
C ASP A 20 -19.55 -22.45 0.88
N GLU A 21 -18.69 -22.73 -0.09
CA GLU A 21 -17.61 -23.70 0.11
C GLU A 21 -16.47 -23.16 1.01
N LEU A 22 -16.31 -21.82 1.04
CA LEU A 22 -15.33 -21.14 1.97
C LEU A 22 -15.66 -21.44 3.45
N LYS A 23 -14.67 -21.87 4.25
N LYS A 23 -14.67 -21.87 4.25
CA LYS A 23 -14.89 -22.21 5.66
CA LYS A 23 -14.88 -22.22 5.66
C LYS A 23 -13.90 -21.48 6.58
C LYS A 23 -13.90 -21.49 6.57
N ALA A 24 -14.43 -20.87 7.63
CA ALA A 24 -13.66 -20.23 8.67
C ALA A 24 -12.62 -21.12 9.29
N GLU A 25 -12.98 -22.37 9.52
CA GLU A 25 -12.07 -23.33 10.18
C GLU A 25 -10.88 -23.67 9.28
N ASN A 26 -11.08 -23.67 7.96
CA ASN A 26 -9.92 -23.85 7.02
C ASN A 26 -8.95 -22.68 7.09
N ILE A 27 -9.49 -21.46 7.14
CA ILE A 27 -8.65 -20.26 7.20
C ILE A 27 -7.79 -20.31 8.49
N LYS A 28 -8.42 -20.68 9.61
CA LYS A 28 -7.73 -20.84 10.91
C LYS A 28 -6.57 -21.82 10.82
N LYS A 29 -6.83 -23.02 10.28
CA LYS A 29 -5.77 -24.06 10.10
C LYS A 29 -4.58 -23.58 9.22
N PHE A 30 -4.90 -22.84 8.15
CA PHE A 30 -3.88 -22.33 7.24
C PHE A 30 -3.05 -21.22 7.94
N LEU A 31 -3.68 -20.35 8.72
CA LEU A 31 -2.94 -19.29 9.42
C LEU A 31 -1.98 -19.89 10.39
N TYR A 32 -2.48 -20.87 11.17
CA TYR A 32 -1.62 -21.59 12.11
C TYR A 32 -0.37 -22.19 11.40
N ASN A 33 -0.63 -22.84 10.29
CA ASN A 33 0.42 -23.49 9.48
C ASN A 33 1.51 -22.53 8.92
N PHE A 34 1.10 -21.29 8.62
CA PHE A 34 1.96 -20.29 7.97
C PHE A 34 2.74 -19.41 8.94
N THR A 35 2.53 -19.59 10.27
CA THR A 35 3.03 -18.64 11.26
C THR A 35 3.87 -19.26 12.43
N GLN A 36 4.30 -20.50 12.27
CA GLN A 36 5.11 -21.17 13.35
C GLN A 36 6.59 -20.83 13.31
N ILE A 37 7.12 -20.45 12.13
CA ILE A 37 8.52 -20.02 12.02
C ILE A 37 8.61 -18.75 11.16
N PRO A 38 9.72 -18.01 11.25
CA PRO A 38 9.81 -16.80 10.42
C PRO A 38 9.95 -17.13 8.93
N HIS A 39 9.41 -16.26 8.07
CA HIS A 39 9.54 -16.41 6.61
C HIS A 39 10.09 -15.14 5.92
N LEU A 40 11.27 -14.69 6.38
CA LEU A 40 11.93 -13.51 5.83
C LEU A 40 12.35 -13.74 4.40
N ALA A 41 12.13 -12.72 3.55
CA ALA A 41 12.56 -12.85 2.16
C ALA A 41 14.02 -13.19 2.05
N GLY A 42 14.29 -14.08 1.08
CA GLY A 42 15.62 -14.51 0.77
C GLY A 42 16.13 -15.62 1.66
N THR A 43 15.36 -16.06 2.65
CA THR A 43 15.81 -17.15 3.53
C THR A 43 15.32 -18.51 3.07
N GLU A 44 16.01 -19.57 3.51
CA GLU A 44 15.58 -20.93 3.19
C GLU A 44 14.15 -21.28 3.61
N GLN A 45 13.78 -20.81 4.81
N GLN A 45 13.73 -20.84 4.78
CA GLN A 45 12.43 -21.01 5.36
CA GLN A 45 12.39 -21.21 5.24
C GLN A 45 11.34 -20.56 4.37
C GLN A 45 11.27 -20.52 4.43
N ASN A 46 11.57 -19.39 3.78
CA ASN A 46 10.59 -18.81 2.85
C ASN A 46 10.51 -19.51 1.48
N PHE A 47 11.65 -20.04 1.02
CA PHE A 47 11.70 -20.93 -0.15
C PHE A 47 10.93 -22.21 0.13
N GLN A 48 11.16 -22.82 1.31
CA GLN A 48 10.35 -24.01 1.68
C GLN A 48 8.83 -23.78 1.72
N LEU A 49 8.40 -22.64 2.26
CA LEU A 49 6.97 -22.33 2.21
C LEU A 49 6.43 -22.14 0.76
N ALA A 50 7.20 -21.42 -0.08
CA ALA A 50 6.89 -21.32 -1.51
C ALA A 50 6.64 -22.69 -2.16
N LYS A 51 7.55 -23.64 -1.89
N LYS A 51 7.52 -23.65 -1.90
CA LYS A 51 7.43 -25.02 -2.38
CA LYS A 51 7.33 -25.00 -2.45
C LYS A 51 6.15 -25.73 -1.91
C LYS A 51 6.11 -25.75 -1.92
N GLN A 52 5.82 -25.57 -0.64
CA GLN A 52 4.57 -26.10 -0.06
C GLN A 52 3.32 -25.51 -0.73
N ILE A 53 3.30 -24.18 -0.90
CA ILE A 53 2.14 -23.52 -1.51
C ILE A 53 1.95 -24.01 -2.94
N GLN A 54 3.05 -24.09 -3.69
CA GLN A 54 3.04 -24.63 -5.08
C GLN A 54 2.41 -26.05 -5.10
N SER A 55 2.91 -26.96 -4.27
CA SER A 55 2.38 -28.35 -4.23
C SER A 55 0.89 -28.35 -3.90
N GLN A 56 0.47 -27.59 -2.89
CA GLN A 56 -0.93 -27.55 -2.46
C GLN A 56 -1.89 -26.93 -3.48
N TRP A 57 -1.48 -25.81 -4.11
CA TRP A 57 -2.29 -25.28 -5.19
C TRP A 57 -2.52 -26.28 -6.37
N LYS A 58 -1.50 -27.09 -6.67
N LYS A 58 -1.50 -27.06 -6.76
CA LYS A 58 -1.63 -28.25 -7.52
CA LYS A 58 -1.66 -28.04 -7.85
C LYS A 58 -2.66 -29.26 -6.96
C LYS A 58 -2.70 -29.09 -7.46
N GLU A 59 -2.50 -29.74 -5.72
N GLU A 59 -2.61 -29.56 -6.20
CA GLU A 59 -3.49 -30.65 -5.10
CA GLU A 59 -3.53 -30.57 -5.65
C GLU A 59 -4.93 -30.05 -5.20
C GLU A 59 -4.95 -30.01 -5.40
N PHE A 60 -5.05 -28.73 -5.03
CA PHE A 60 -6.35 -28.05 -5.00
C PHE A 60 -7.07 -28.00 -6.36
N GLY A 61 -6.35 -28.22 -7.46
CA GLY A 61 -6.93 -28.37 -8.81
C GLY A 61 -6.53 -27.34 -9.87
N LEU A 62 -5.56 -26.44 -9.60
CA LEU A 62 -5.20 -25.43 -10.63
C LEU A 62 -4.54 -26.11 -11.85
N ASP A 63 -4.67 -25.54 -13.03
CA ASP A 63 -4.11 -26.11 -14.26
C ASP A 63 -2.60 -26.12 -14.31
N SER A 64 -1.96 -25.06 -13.81
CA SER A 64 -0.50 -25.04 -13.72
C SER A 64 -0.11 -24.15 -12.54
N VAL A 65 1.00 -24.49 -11.88
CA VAL A 65 1.51 -23.71 -10.78
C VAL A 65 3.04 -23.73 -10.93
N GLU A 66 3.63 -22.55 -11.12
CA GLU A 66 5.07 -22.42 -11.36
C GLU A 66 5.73 -21.44 -10.37
N LEU A 67 7.01 -21.62 -10.12
CA LEU A 67 7.78 -20.62 -9.40
C LEU A 67 8.41 -19.66 -10.41
N ALA A 68 8.39 -18.35 -10.13
CA ALA A 68 9.10 -17.36 -10.94
C ALA A 68 10.11 -16.68 -9.99
N HIS A 69 11.39 -16.86 -10.27
CA HIS A 69 12.46 -16.35 -9.39
C HIS A 69 13.20 -15.19 -10.03
N TYR A 70 13.78 -14.33 -9.18
CA TYR A 70 14.53 -13.10 -9.55
C TYR A 70 15.69 -12.97 -8.55
N ASP A 71 16.75 -12.27 -8.95
CA ASP A 71 17.90 -11.95 -8.03
C ASP A 71 17.99 -10.44 -7.81
N VAL A 72 17.48 -10.01 -6.64
CA VAL A 72 17.25 -8.61 -6.33
C VAL A 72 18.09 -8.13 -5.14
N LEU A 73 18.26 -6.80 -5.02
CA LEU A 73 18.96 -6.25 -3.85
C LEU A 73 18.11 -6.31 -2.56
N LEU A 74 18.60 -7.07 -1.55
CA LEU A 74 17.98 -7.12 -0.19
C LEU A 74 19.00 -6.55 0.85
N SER A 75 18.63 -6.51 2.14
CA SER A 75 19.42 -5.91 3.17
C SER A 75 19.24 -6.68 4.48
N TYR A 76 20.34 -6.93 5.20
CA TYR A 76 20.26 -7.68 6.45
C TYR A 76 21.29 -7.14 7.47
N PRO A 77 20.97 -7.24 8.75
CA PRO A 77 22.00 -6.93 9.78
C PRO A 77 23.17 -7.91 9.76
N ASN A 78 24.32 -7.47 10.29
CA ASN A 78 25.48 -8.33 10.48
C ASN A 78 25.32 -9.11 11.83
N LYS A 79 25.17 -10.42 11.72
CA LYS A 79 25.03 -11.37 12.87
C LYS A 79 26.10 -11.21 13.97
N THR A 80 27.32 -11.01 13.56
CA THR A 80 28.41 -10.87 14.52
C THR A 80 28.83 -9.44 14.82
N HIS A 81 28.14 -8.44 14.28
CA HIS A 81 28.46 -7.05 14.59
C HIS A 81 27.13 -6.25 14.73
N PRO A 82 26.44 -6.36 15.88
CA PRO A 82 25.07 -5.83 16.03
C PRO A 82 24.92 -4.33 15.92
N ASN A 83 23.74 -3.89 15.46
CA ASN A 83 23.41 -2.50 15.35
C ASN A 83 22.87 -2.04 16.72
N TYR A 84 23.26 -0.82 17.11
CA TYR A 84 22.77 -0.22 18.37
C TYR A 84 23.08 1.28 18.41
N ILE A 85 22.41 1.97 19.33
CA ILE A 85 22.60 3.41 19.53
C ILE A 85 23.09 3.62 20.99
N SER A 86 24.01 4.57 21.17
CA SER A 86 24.55 4.99 22.49
C SER A 86 24.38 6.47 22.81
N ILE A 87 24.29 6.77 24.12
CA ILE A 87 24.68 8.09 24.65
C ILE A 87 26.14 7.90 25.13
N ILE A 88 27.01 8.78 24.67
CA ILE A 88 28.43 8.77 25.03
C ILE A 88 28.76 10.05 25.79
N ASN A 89 29.66 9.96 26.77
CA ASN A 89 30.10 11.17 27.51
C ASN A 89 31.32 11.82 26.85
N GLU A 90 31.75 12.98 27.38
CA GLU A 90 32.93 13.71 26.84
C GLU A 90 34.25 12.87 26.77
N ASP A 91 34.39 11.84 27.60
CA ASP A 91 35.50 10.86 27.48
C ASP A 91 35.33 9.83 26.35
N GLY A 92 34.13 9.74 25.76
CA GLY A 92 33.82 8.67 24.84
C GLY A 92 33.50 7.33 25.49
N ASN A 93 33.04 7.33 26.74
CA ASN A 93 32.42 6.12 27.32
C ASN A 93 30.94 6.05 26.95
N GLU A 94 30.51 4.86 26.52
CA GLU A 94 29.11 4.59 26.17
C GLU A 94 28.35 4.31 27.45
N ILE A 95 27.63 5.32 27.94
CA ILE A 95 26.90 5.25 29.23
C ILE A 95 25.46 4.70 29.17
N PHE A 96 24.92 4.59 27.97
CA PHE A 96 23.60 3.97 27.75
C PHE A 96 23.60 3.35 26.35
N ASN A 97 23.10 2.11 26.23
CA ASN A 97 23.00 1.41 24.95
C ASN A 97 21.56 0.91 24.71
N THR A 98 21.04 1.11 23.49
CA THR A 98 19.72 0.53 23.13
C THR A 98 19.81 -0.99 23.01
N SER A 99 18.66 -1.64 23.06
N SER A 99 18.64 -1.62 22.99
CA SER A 99 18.59 -3.10 23.16
CA SER A 99 18.50 -3.09 23.02
C SER A 99 18.97 -3.78 21.83
C SER A 99 19.07 -3.75 21.78
N LEU A 100 19.54 -4.99 21.94
CA LEU A 100 20.02 -5.75 20.78
C LEU A 100 18.91 -6.64 20.12
N PHE A 101 17.76 -6.77 20.79
CA PHE A 101 16.67 -7.67 20.36
C PHE A 101 15.41 -7.36 21.13
N GLU A 102 14.23 -7.67 20.55
CA GLU A 102 12.94 -7.62 21.27
C GLU A 102 12.84 -8.84 22.18
N PRO A 103 12.36 -8.68 23.42
CA PRO A 103 12.13 -9.91 24.19
C PRO A 103 11.10 -10.85 23.50
N PRO A 104 11.48 -12.13 23.25
CA PRO A 104 10.56 -12.93 22.45
C PRO A 104 9.28 -13.33 23.18
N PRO A 105 8.19 -13.51 22.43
CA PRO A 105 6.93 -13.82 23.10
C PRO A 105 6.89 -15.22 23.75
N PRO A 106 5.92 -15.46 24.68
CA PRO A 106 5.88 -16.77 25.40
C PRO A 106 5.86 -17.99 24.49
N GLY A 107 6.77 -18.93 24.73
CA GLY A 107 6.81 -20.14 23.91
C GLY A 107 7.60 -20.10 22.59
N TYR A 108 8.08 -18.92 22.22
CA TYR A 108 8.93 -18.69 21.01
C TYR A 108 10.34 -18.23 21.40
N GLU A 109 10.67 -18.30 22.69
CA GLU A 109 11.95 -17.79 23.15
C GLU A 109 13.12 -18.70 22.63
N ASN A 110 12.82 -19.91 22.10
CA ASN A 110 13.84 -20.81 21.46
C ASN A 110 13.79 -20.81 19.92
N VAL A 111 12.98 -19.98 19.30
CA VAL A 111 12.92 -19.96 17.85
C VAL A 111 14.23 -19.31 17.34
N SER A 112 14.84 -19.95 16.35
N SER A 112 14.85 -19.97 16.37
CA SER A 112 16.05 -19.44 15.72
CA SER A 112 16.05 -19.48 15.69
C SER A 112 15.70 -18.51 14.55
C SER A 112 15.70 -18.50 14.56
N ASP A 113 16.68 -17.67 14.22
CA ASP A 113 16.62 -16.82 13.06
C ASP A 113 15.54 -15.74 13.14
N ILE A 114 15.20 -15.22 14.34
CA ILE A 114 14.38 -14.00 14.40
C ILE A 114 15.28 -12.82 14.04
N VAL A 115 15.01 -12.12 12.93
CA VAL A 115 15.88 -11.00 12.59
C VAL A 115 15.70 -9.87 13.63
N PRO A 116 16.81 -9.35 14.22
CA PRO A 116 16.66 -8.22 15.16
C PRO A 116 16.09 -6.96 14.47
N PRO A 117 15.51 -6.04 15.25
CA PRO A 117 14.97 -4.84 14.60
C PRO A 117 16.09 -4.04 13.89
N PHE A 118 15.81 -3.60 12.66
CA PHE A 118 16.72 -2.80 11.84
C PHE A 118 15.89 -2.08 10.76
N SER A 119 16.49 -1.05 10.18
CA SER A 119 15.93 -0.33 9.02
C SER A 119 16.57 -0.82 7.72
N ALA A 120 15.80 -1.59 6.94
CA ALA A 120 16.34 -2.21 5.74
C ALA A 120 16.79 -1.14 4.76
N PHE A 121 18.01 -1.35 4.26
CA PHE A 121 18.77 -0.55 3.25
C PHE A 121 19.50 0.66 3.83
N SER A 122 19.48 0.81 5.15
CA SER A 122 20.40 1.79 5.78
C SER A 122 21.85 1.58 5.32
N PRO A 123 22.54 2.68 4.97
CA PRO A 123 24.00 2.55 4.85
C PRO A 123 24.68 2.32 6.21
N GLN A 124 25.91 1.86 6.15
CA GLN A 124 26.74 1.67 7.37
C GLN A 124 27.30 2.99 7.80
N GLY A 125 27.62 3.13 9.09
CA GLY A 125 28.20 4.35 9.62
C GLY A 125 28.21 4.35 11.15
N MET A 126 29.06 5.22 11.73
CA MET A 126 29.02 5.49 13.16
C MET A 126 28.94 6.97 13.47
N PRO A 127 27.97 7.69 12.89
CA PRO A 127 27.88 9.13 13.15
C PRO A 127 27.64 9.48 14.66
N GLU A 128 28.28 10.56 15.12
N GLU A 128 28.25 10.56 15.14
CA GLU A 128 28.19 11.11 16.51
CA GLU A 128 28.09 11.06 16.52
C GLU A 128 27.69 12.56 16.46
C GLU A 128 27.72 12.54 16.50
N GLY A 129 26.74 12.94 17.31
CA GLY A 129 26.25 14.32 17.29
C GLY A 129 25.19 14.70 18.31
N ASP A 130 24.66 15.90 18.15
CA ASP A 130 23.54 16.41 18.97
C ASP A 130 22.20 16.05 18.31
N LEU A 131 21.23 15.71 19.15
CA LEU A 131 19.90 15.29 18.71
C LEU A 131 19.02 16.51 18.44
N VAL A 132 18.17 16.43 17.40
CA VAL A 132 17.02 17.31 17.26
C VAL A 132 15.74 16.43 17.14
N TYR A 133 14.67 16.80 17.83
CA TYR A 133 13.40 16.06 17.80
C TYR A 133 12.51 16.76 16.79
N VAL A 134 11.97 15.97 15.84
CA VAL A 134 11.28 16.53 14.67
C VAL A 134 9.83 16.04 14.55
N ASN A 135 9.22 15.64 15.67
CA ASN A 135 7.84 15.16 15.68
C ASN A 135 7.70 13.94 14.71
N TYR A 136 6.78 13.97 13.73
CA TYR A 136 6.60 12.85 12.80
C TYR A 136 7.50 12.92 11.54
N ALA A 137 8.42 13.90 11.49
CA ALA A 137 9.30 14.15 10.35
C ALA A 137 8.53 14.33 9.03
N ARG A 138 7.31 14.86 9.11
CA ARG A 138 6.56 15.28 7.93
C ARG A 138 7.14 16.55 7.30
N THR A 139 6.78 16.78 6.04
CA THR A 139 7.16 18.02 5.36
C THR A 139 6.81 19.28 6.24
N GLU A 140 5.63 19.28 6.80
CA GLU A 140 5.20 20.44 7.59
C GLU A 140 5.93 20.53 8.95
N ASP A 141 6.40 19.39 9.47
CA ASP A 141 7.23 19.42 10.71
C ASP A 141 8.56 20.10 10.45
N PHE A 142 9.20 19.79 9.32
CA PHE A 142 10.43 20.45 8.94
C PHE A 142 10.23 21.95 8.59
N PHE A 143 9.12 22.27 7.94
CA PHE A 143 8.76 23.69 7.69
C PHE A 143 8.66 24.49 9.02
N LYS A 144 7.98 23.92 10.00
CA LYS A 144 7.84 24.55 11.32
C LYS A 144 9.20 24.80 11.99
N LEU A 145 10.03 23.76 11.97
CA LEU A 145 11.32 23.78 12.62
C LEU A 145 12.25 24.80 11.98
N GLU A 146 12.34 24.75 10.65
CA GLU A 146 13.30 25.58 9.91
C GLU A 146 12.82 26.99 9.62
N ARG A 147 11.57 27.15 9.21
CA ARG A 147 11.05 28.49 8.82
C ARG A 147 10.56 29.29 10.03
N ASP A 148 9.82 28.67 10.94
CA ASP A 148 9.23 29.39 12.09
C ASP A 148 10.13 29.44 13.31
N MET A 149 10.64 28.28 13.75
N MET A 149 10.62 28.27 13.77
CA MET A 149 11.47 28.22 14.96
CA MET A 149 11.49 28.20 14.95
C MET A 149 12.95 28.51 14.69
C MET A 149 12.94 28.58 14.69
N LYS A 150 13.35 28.58 13.42
CA LYS A 150 14.75 28.87 13.01
C LYS A 150 15.79 27.88 13.53
N ILE A 151 15.46 26.60 13.54
CA ILE A 151 16.40 25.56 14.03
C ILE A 151 16.96 24.81 12.82
N ASN A 152 18.28 24.68 12.74
CA ASN A 152 18.98 24.17 11.57
C ASN A 152 19.34 22.71 11.89
N CYS A 153 18.77 21.75 11.13
CA CYS A 153 19.11 20.33 11.33
C CYS A 153 20.43 19.88 10.71
N SER A 154 21.12 20.76 9.99
CA SER A 154 22.35 20.36 9.27
C SER A 154 23.44 19.83 10.18
N GLY A 155 23.94 18.63 9.90
CA GLY A 155 24.89 17.94 10.76
C GLY A 155 24.42 17.42 12.11
N LYS A 156 23.11 17.45 12.39
CA LYS A 156 22.53 16.87 13.62
C LYS A 156 22.01 15.44 13.37
N ILE A 157 21.85 14.65 14.43
CA ILE A 157 21.08 13.40 14.37
C ILE A 157 19.61 13.72 14.67
N VAL A 158 18.66 13.32 13.82
CA VAL A 158 17.25 13.61 14.08
C VAL A 158 16.57 12.37 14.69
N ILE A 159 15.71 12.62 15.68
CA ILE A 159 14.85 11.59 16.27
C ILE A 159 13.40 11.93 15.96
N ALA A 160 12.68 10.94 15.40
CA ALA A 160 11.34 11.14 14.95
C ALA A 160 10.46 10.00 15.41
N ARG A 161 9.22 10.33 15.75
CA ARG A 161 8.24 9.30 16.05
C ARG A 161 7.59 8.73 14.78
N TYR A 162 7.40 7.41 14.79
CA TYR A 162 6.63 6.71 13.73
C TYR A 162 5.17 7.21 13.70
N GLY A 163 4.50 7.14 12.54
CA GLY A 163 3.06 7.49 12.40
C GLY A 163 2.85 8.54 11.36
N LYS A 164 1.58 8.73 10.94
N LYS A 164 1.57 8.68 10.94
CA LYS A 164 1.18 9.77 9.96
CA LYS A 164 1.07 9.66 9.96
C LYS A 164 1.52 9.44 8.53
C LYS A 164 1.53 9.52 8.51
N VAL A 165 2.81 9.21 8.29
CA VAL A 165 3.34 8.99 6.95
C VAL A 165 4.30 7.82 6.85
N PHE A 166 4.48 7.30 5.61
CA PHE A 166 5.47 6.24 5.36
C PHE A 166 6.86 6.62 5.85
N ARG A 167 7.54 5.67 6.50
CA ARG A 167 8.86 5.97 7.07
C ARG A 167 9.97 6.41 6.07
N GLY A 168 9.89 5.92 4.82
CA GLY A 168 10.78 6.34 3.76
C GLY A 168 10.73 7.86 3.49
N ASN A 169 9.51 8.40 3.54
CA ASN A 169 9.33 9.86 3.38
C ASN A 169 9.96 10.68 4.52
N LYS A 170 9.87 10.17 5.75
CA LYS A 170 10.56 10.77 6.91
C LYS A 170 12.05 10.83 6.65
N VAL A 171 12.63 9.72 6.16
CA VAL A 171 14.08 9.66 5.93
C VAL A 171 14.51 10.65 4.82
N LYS A 172 13.76 10.68 3.74
CA LYS A 172 14.05 11.62 2.63
C LYS A 172 14.02 13.06 3.14
N ASN A 173 12.99 13.39 3.93
CA ASN A 173 12.86 14.76 4.47
C ASN A 173 14.05 15.11 5.39
N ALA A 174 14.43 14.18 6.26
CA ALA A 174 15.59 14.41 7.15
C ALA A 174 16.90 14.60 6.37
N GLN A 175 17.10 13.77 5.36
CA GLN A 175 18.25 13.85 4.49
C GLN A 175 18.31 15.21 3.78
N LEU A 176 17.19 15.68 3.24
CA LEU A 176 17.20 16.98 2.53
C LEU A 176 17.42 18.16 3.48
N ALA A 177 17.05 18.01 4.77
CA ALA A 177 17.34 19.03 5.79
C ALA A 177 18.81 19.01 6.29
N GLY A 178 19.65 18.11 5.78
CA GLY A 178 21.08 18.01 6.17
C GLY A 178 21.43 17.13 7.38
N ALA A 179 20.46 16.36 7.91
CA ALA A 179 20.72 15.44 9.02
C ALA A 179 21.80 14.49 8.67
N LYS A 180 22.56 14.04 9.66
CA LYS A 180 23.56 13.00 9.41
C LYS A 180 23.18 11.60 9.93
N GLY A 181 22.00 11.48 10.51
CA GLY A 181 21.42 10.17 10.86
C GLY A 181 20.00 10.33 11.34
N VAL A 182 19.25 9.22 11.35
CA VAL A 182 17.86 9.23 11.79
C VAL A 182 17.56 8.08 12.78
N ILE A 183 16.89 8.40 13.87
CA ILE A 183 16.40 7.41 14.84
C ILE A 183 14.87 7.48 14.82
N LEU A 184 14.24 6.32 14.55
CA LEU A 184 12.79 6.17 14.52
C LEU A 184 12.32 5.46 15.80
N TYR A 185 11.22 5.92 16.41
CA TYR A 185 10.69 5.21 17.60
C TYR A 185 9.17 5.17 17.59
N SER A 186 8.60 4.20 18.30
CA SER A 186 7.16 4.09 18.50
C SER A 186 6.68 4.75 19.80
N ASP A 187 5.92 5.85 19.67
CA ASP A 187 5.36 6.54 20.85
C ASP A 187 4.06 5.88 21.31
N PRO A 188 3.86 5.70 22.66
CA PRO A 188 2.57 5.18 23.13
C PRO A 188 1.38 6.03 22.70
N ALA A 189 1.59 7.32 22.45
CA ALA A 189 0.48 8.11 21.90
C ALA A 189 -0.12 7.51 20.61
N ASP A 190 0.71 6.86 19.80
CA ASP A 190 0.33 6.32 18.48
C ASP A 190 0.20 4.80 18.45
N TYR A 191 0.81 4.08 19.41
CA TYR A 191 0.83 2.61 19.38
C TYR A 191 0.40 1.95 20.71
N PHE A 192 -0.36 2.66 21.55
CA PHE A 192 -0.84 2.10 22.83
C PHE A 192 -2.26 2.63 23.05
N ALA A 193 -3.24 1.78 22.80
CA ALA A 193 -4.63 2.13 22.93
C ALA A 193 -5.05 2.17 24.42
N PRO A 194 -5.70 3.26 24.85
CA PRO A 194 -6.13 3.37 26.26
C PRO A 194 -6.97 2.19 26.75
N GLY A 195 -6.67 1.70 27.96
CA GLY A 195 -7.46 0.64 28.57
C GLY A 195 -7.24 -0.78 28.08
N VAL A 196 -6.27 -1.03 27.20
N VAL A 196 -6.23 -1.00 27.24
CA VAL A 196 -5.98 -2.39 26.79
CA VAL A 196 -5.89 -2.32 26.68
C VAL A 196 -4.54 -2.73 27.16
C VAL A 196 -4.51 -2.72 27.17
N LYS A 197 -4.30 -4.00 27.47
CA LYS A 197 -2.99 -4.47 27.94
C LYS A 197 -2.01 -4.75 26.79
N SER A 198 -0.72 -4.65 27.12
CA SER A 198 0.42 -5.11 26.31
C SER A 198 0.43 -6.61 26.05
N TYR A 199 0.95 -6.98 24.86
CA TYR A 199 1.18 -8.39 24.52
C TYR A 199 2.06 -9.00 25.60
N PRO A 200 1.76 -10.20 26.12
CA PRO A 200 0.76 -11.19 25.66
C PRO A 200 -0.66 -11.10 26.23
N ASP A 201 -0.93 -10.12 27.06
CA ASP A 201 -2.20 -10.05 27.77
C ASP A 201 -3.23 -9.18 27.05
N GLY A 202 -2.82 -8.50 25.97
CA GLY A 202 -3.71 -7.74 25.12
C GLY A 202 -2.95 -7.42 23.82
N TRP A 203 -3.50 -6.51 23.04
CA TRP A 203 -3.02 -6.28 21.66
C TRP A 203 -2.19 -5.00 21.51
N ASN A 204 -1.74 -4.43 22.64
CA ASN A 204 -0.87 -3.23 22.63
C ASN A 204 0.61 -3.56 22.55
N LEU A 205 1.40 -2.55 22.13
CA LEU A 205 2.86 -2.67 21.96
C LEU A 205 3.55 -2.47 23.32
N PRO A 206 4.39 -3.44 23.77
CA PRO A 206 5.19 -3.24 25.00
C PRO A 206 6.36 -2.30 24.81
N GLY A 207 6.98 -1.87 25.89
CA GLY A 207 8.10 -0.91 25.79
C GLY A 207 9.37 -1.38 25.09
N GLY A 208 9.57 -2.69 25.04
CA GLY A 208 10.66 -3.35 24.30
C GLY A 208 10.32 -3.71 22.83
N GLY A 209 9.06 -3.52 22.41
CA GLY A 209 8.63 -3.82 21.03
C GLY A 209 9.18 -2.77 20.06
N VAL A 210 9.54 -3.22 18.84
CA VAL A 210 10.11 -2.33 17.79
C VAL A 210 9.49 -2.68 16.40
N GLN A 211 9.16 -1.65 15.63
CA GLN A 211 8.65 -1.76 14.29
C GLN A 211 9.80 -1.79 13.26
N ARG A 212 9.98 -2.94 12.63
CA ARG A 212 10.89 -3.09 11.48
C ARG A 212 10.30 -2.37 10.25
N GLY A 213 11.12 -2.22 9.21
CA GLY A 213 10.59 -1.83 7.86
C GLY A 213 11.60 -1.11 6.99
N ASN A 214 11.44 -1.23 5.68
CA ASN A 214 12.40 -0.60 4.75
C ASN A 214 12.18 0.94 4.75
N ILE A 215 13.26 1.64 4.38
CA ILE A 215 13.31 3.10 4.29
C ILE A 215 13.70 3.61 2.89
N LEU A 216 13.29 2.89 1.86
CA LEU A 216 13.58 3.26 0.46
C LEU A 216 12.65 4.36 -0.03
N ASN A 217 13.09 5.07 -1.08
CA ASN A 217 12.22 5.95 -1.88
C ASN A 217 12.27 5.52 -3.35
N LEU A 218 11.56 4.43 -3.67
CA LEU A 218 11.66 3.80 -4.99
C LEU A 218 10.84 4.48 -6.07
N ASN A 219 9.77 5.13 -5.68
CA ASN A 219 8.82 5.74 -6.65
C ASN A 219 8.33 4.77 -7.76
N GLY A 220 8.12 3.52 -7.35
CA GLY A 220 7.64 2.46 -8.24
C GLY A 220 8.69 1.64 -9.02
N ALA A 221 10.00 1.88 -8.80
CA ALA A 221 11.04 1.24 -9.65
C ALA A 221 11.19 -0.27 -9.50
N GLY A 222 10.78 -0.82 -8.36
CA GLY A 222 11.13 -2.22 -8.05
C GLY A 222 12.55 -2.43 -7.55
N ASP A 223 13.21 -3.54 -7.93
CA ASP A 223 14.65 -3.78 -7.56
C ASP A 223 15.52 -2.54 -7.82
N PRO A 224 16.23 -2.06 -6.80
CA PRO A 224 16.99 -0.84 -6.96
C PRO A 224 18.00 -0.88 -8.14
N LEU A 225 18.47 -2.08 -8.49
CA LEU A 225 19.52 -2.23 -9.49
C LEU A 225 19.09 -2.40 -10.95
N THR A 226 17.80 -2.67 -11.22
CA THR A 226 17.30 -3.04 -12.57
C THR A 226 16.01 -2.30 -12.96
N PRO A 227 15.94 -0.98 -12.75
CA PRO A 227 14.68 -0.28 -13.10
C PRO A 227 14.27 -0.44 -14.57
N GLY A 228 13.03 -0.88 -14.83
CA GLY A 228 12.50 -1.06 -16.19
C GLY A 228 12.46 -2.47 -16.72
N TYR A 229 13.27 -3.38 -16.13
CA TYR A 229 13.55 -4.70 -16.69
C TYR A 229 13.60 -5.75 -15.56
N PRO A 230 13.14 -7.00 -15.85
CA PRO A 230 13.22 -7.98 -14.78
C PRO A 230 14.63 -8.40 -14.41
N ALA A 231 14.82 -8.62 -13.11
CA ALA A 231 16.11 -9.06 -12.57
C ALA A 231 16.36 -10.58 -12.76
N ASN A 232 16.46 -10.95 -14.04
CA ASN A 232 16.58 -12.34 -14.45
C ASN A 232 18.07 -12.73 -14.46
N GLU A 233 18.35 -13.92 -14.97
CA GLU A 233 19.70 -14.46 -14.89
C GLU A 233 20.77 -13.67 -15.67
N TYR A 234 20.40 -12.97 -16.75
CA TYR A 234 21.41 -12.27 -17.57
C TYR A 234 21.32 -10.76 -17.42
N ALA A 235 20.62 -10.25 -16.41
CA ALA A 235 20.36 -8.83 -16.32
C ALA A 235 21.63 -8.04 -16.05
N TYR A 236 21.78 -6.87 -16.66
N TYR A 236 21.64 -6.80 -16.57
CA TYR A 236 22.96 -6.00 -16.39
CA TYR A 236 22.52 -5.69 -16.17
C TYR A 236 22.53 -5.07 -15.29
C TYR A 236 22.02 -5.10 -14.89
N ARG A 237 23.30 -4.97 -14.21
N ARG A 237 22.96 -4.92 -13.98
CA ARG A 237 22.90 -4.21 -13.02
CA ARG A 237 22.68 -4.28 -12.73
C ARG A 237 23.57 -2.88 -12.93
C ARG A 237 23.53 -3.04 -12.64
N ARG A 238 22.88 -1.92 -12.34
CA ARG A 238 23.56 -0.69 -11.88
C ARG A 238 24.53 -0.97 -10.75
N GLY A 239 25.57 -0.13 -10.68
CA GLY A 239 26.40 -0.12 -9.47
C GLY A 239 25.64 0.50 -8.31
N ILE A 240 26.06 0.19 -7.09
CA ILE A 240 25.39 0.68 -5.85
C ILE A 240 25.25 2.16 -5.85
N ALA A 241 26.27 2.88 -6.35
CA ALA A 241 26.24 4.34 -6.35
C ALA A 241 25.11 4.90 -7.21
N GLU A 242 24.65 4.17 -8.22
CA GLU A 242 23.57 4.64 -9.11
C GLU A 242 22.19 3.91 -8.83
N ALA A 243 22.12 3.09 -7.77
CA ALA A 243 20.93 2.32 -7.42
C ALA A 243 19.77 3.28 -7.13
N VAL A 244 18.54 2.87 -7.41
CA VAL A 244 17.43 3.75 -7.18
C VAL A 244 17.02 3.69 -5.70
N GLY A 245 16.82 4.86 -5.07
CA GLY A 245 16.03 4.94 -3.82
C GLY A 245 16.71 4.72 -2.49
N LEU A 246 18.01 4.44 -2.52
CA LEU A 246 18.76 4.18 -1.31
C LEU A 246 19.02 5.45 -0.51
N PRO A 247 18.93 5.36 0.82
CA PRO A 247 19.23 6.54 1.62
C PRO A 247 20.77 6.74 1.82
N SER A 248 21.15 7.98 2.08
N SER A 248 21.18 7.97 2.06
CA SER A 248 22.56 8.43 2.19
CA SER A 248 22.61 8.30 2.19
C SER A 248 23.05 8.65 3.61
C SER A 248 23.11 8.41 3.63
N ILE A 249 22.18 8.40 4.60
CA ILE A 249 22.54 8.52 6.03
C ILE A 249 22.01 7.32 6.81
N PRO A 250 22.73 6.91 7.86
CA PRO A 250 22.28 5.77 8.64
C PRO A 250 20.96 5.94 9.43
N VAL A 251 20.16 4.85 9.52
CA VAL A 251 18.84 4.88 10.19
C VAL A 251 18.64 3.62 11.06
N HIS A 252 17.91 3.75 12.17
CA HIS A 252 17.67 2.63 13.08
C HIS A 252 16.40 2.85 13.91
N PRO A 253 15.58 1.81 14.09
CA PRO A 253 14.35 1.93 14.86
C PRO A 253 14.52 1.39 16.33
N ILE A 254 13.82 2.02 17.27
CA ILE A 254 13.80 1.63 18.70
C ILE A 254 12.39 1.66 19.33
N GLY A 255 12.25 1.01 20.47
CA GLY A 255 11.05 1.06 21.27
C GLY A 255 10.99 2.24 22.24
N TYR A 256 9.85 2.37 22.92
CA TYR A 256 9.61 3.51 23.80
C TYR A 256 10.36 3.50 25.15
N TYR A 257 10.72 2.32 25.67
CA TYR A 257 11.68 2.30 26.83
C TYR A 257 13.01 2.95 26.46
N ASP A 258 13.62 2.54 25.34
CA ASP A 258 14.86 3.17 24.88
C ASP A 258 14.67 4.64 24.48
N ALA A 259 13.53 4.94 23.85
CA ALA A 259 13.28 6.31 23.37
C ALA A 259 13.20 7.31 24.55
N GLN A 260 12.55 6.89 25.62
CA GLN A 260 12.50 7.68 26.86
C GLN A 260 13.91 8.10 27.35
N LYS A 261 14.86 7.17 27.32
N LYS A 261 14.85 7.17 27.34
CA LYS A 261 16.23 7.43 27.75
CA LYS A 261 16.22 7.46 27.75
C LYS A 261 17.03 8.37 26.82
C LYS A 261 16.88 8.52 26.85
N LEU A 262 16.65 8.43 25.54
CA LEU A 262 17.24 9.40 24.58
C LEU A 262 16.56 10.78 24.66
N LEU A 263 15.26 10.81 24.94
CA LEU A 263 14.48 12.06 24.96
C LEU A 263 14.53 12.83 26.31
N GLU A 264 14.75 12.11 27.40
CA GLU A 264 14.56 12.72 28.74
C GLU A 264 15.57 13.86 29.05
N LYS A 265 16.77 13.82 28.47
CA LYS A 265 17.77 14.89 28.66
C LYS A 265 17.71 16.04 27.66
N MET A 266 16.76 16.04 26.73
CA MET A 266 16.72 17.08 25.68
C MET A 266 16.47 18.52 26.18
N GLY A 267 17.24 19.46 25.64
CA GLY A 267 17.17 20.89 25.98
C GLY A 267 16.78 21.72 24.75
N GLY A 268 17.43 22.88 24.62
CA GLY A 268 17.14 23.82 23.53
C GLY A 268 15.73 24.36 23.68
N SER A 269 15.04 24.53 22.55
CA SER A 269 13.69 25.10 22.57
C SER A 269 12.63 24.13 23.00
N ALA A 270 11.54 24.69 23.52
CA ALA A 270 10.36 23.93 23.92
C ALA A 270 9.61 23.42 22.67
N PRO A 271 8.74 22.39 22.83
CA PRO A 271 7.90 22.03 21.67
C PRO A 271 6.99 23.23 21.30
N PRO A 272 6.75 23.47 20.01
CA PRO A 272 6.02 24.68 19.60
C PRO A 272 4.54 24.69 19.98
N ASP A 273 3.95 23.51 20.16
CA ASP A 273 2.57 23.36 20.63
C ASP A 273 2.30 21.90 21.06
N SER A 274 1.10 21.62 21.57
CA SER A 274 0.79 20.27 22.09
C SER A 274 0.71 19.15 21.03
N SER A 275 0.57 19.47 19.74
CA SER A 275 0.58 18.42 18.70
C SER A 275 1.95 17.78 18.50
N TRP A 276 3.00 18.37 19.08
CA TRP A 276 4.35 17.84 19.11
C TRP A 276 4.68 16.94 20.32
N ARG A 277 3.78 16.89 21.31
N ARG A 277 3.77 16.89 21.32
CA ARG A 277 3.94 16.08 22.52
CA ARG A 277 3.97 16.09 22.53
C ARG A 277 3.23 14.73 22.40
C ARG A 277 3.24 14.75 22.42
N GLY A 278 3.98 13.66 22.57
CA GLY A 278 3.41 12.31 22.73
C GLY A 278 3.09 12.08 24.21
N SER A 279 3.09 10.81 24.63
CA SER A 279 2.56 10.39 25.94
C SER A 279 3.63 9.99 26.92
N LEU A 280 4.91 10.05 26.57
CA LEU A 280 5.95 9.72 27.53
C LEU A 280 6.12 10.89 28.54
N LYS A 281 6.74 10.56 29.67
CA LYS A 281 7.02 11.52 30.76
C LYS A 281 8.29 12.32 30.50
N VAL A 282 8.26 13.13 29.44
CA VAL A 282 9.41 13.91 29.00
C VAL A 282 8.84 15.23 28.45
N PRO A 283 9.69 16.29 28.37
CA PRO A 283 9.15 17.59 27.90
C PRO A 283 8.86 17.66 26.39
N TYR A 284 9.46 16.77 25.60
CA TYR A 284 9.40 16.86 24.12
C TYR A 284 10.04 18.14 23.62
N ASN A 285 11.16 18.51 24.26
CA ASN A 285 11.96 19.62 23.76
C ASN A 285 12.58 19.23 22.40
N VAL A 286 12.70 20.23 21.55
CA VAL A 286 13.18 20.06 20.20
C VAL A 286 14.72 20.04 20.08
N GLY A 287 15.42 20.64 21.04
CA GLY A 287 16.88 20.69 20.99
C GLY A 287 17.31 21.96 20.29
N PRO A 288 18.47 21.95 19.65
CA PRO A 288 19.38 20.80 19.53
C PRO A 288 20.07 20.48 20.82
N GLY A 289 20.38 19.21 21.04
CA GLY A 289 21.22 18.79 22.16
C GLY A 289 20.51 18.72 23.50
N PHE A 290 21.28 18.35 24.51
CA PHE A 290 20.80 18.06 25.87
C PHE A 290 20.89 19.32 26.80
N THR A 291 20.13 19.33 27.89
CA THR A 291 20.18 20.48 28.86
C THR A 291 21.55 20.63 29.55
N GLY A 292 21.77 21.85 30.05
CA GLY A 292 23.00 22.26 30.75
C GLY A 292 24.00 21.24 31.25
N ASN A 293 23.60 20.46 32.25
CA ASN A 293 24.53 19.51 32.90
C ASN A 293 25.01 18.37 32.02
N PHE A 294 24.20 18.03 31.01
CA PHE A 294 24.51 16.92 30.10
C PHE A 294 24.88 17.44 28.71
N SER A 295 25.13 18.75 28.58
CA SER A 295 25.26 19.35 27.27
C SER A 295 26.53 18.95 26.53
N THR A 296 27.49 18.34 27.23
CA THR A 296 28.70 17.79 26.60
C THR A 296 28.57 16.29 26.28
N GLN A 297 27.45 15.66 26.61
CA GLN A 297 27.19 14.29 26.15
C GLN A 297 26.65 14.35 24.68
N LYS A 298 26.86 13.26 23.92
CA LYS A 298 26.40 13.13 22.52
C LYS A 298 25.65 11.80 22.29
N VAL A 299 25.02 11.67 21.10
CA VAL A 299 24.41 10.38 20.67
C VAL A 299 25.23 9.80 19.51
N LYS A 300 25.50 8.50 19.58
CA LYS A 300 26.33 7.83 18.59
C LYS A 300 25.56 6.61 18.05
N MET A 301 25.41 6.54 16.72
CA MET A 301 24.80 5.37 16.08
C MET A 301 25.88 4.34 15.68
N HIS A 302 25.57 3.05 15.65
CA HIS A 302 26.47 2.02 15.13
C HIS A 302 25.68 1.09 14.18
N ILE A 303 25.83 1.29 12.86
CA ILE A 303 25.05 0.54 11.86
C ILE A 303 26.01 -0.19 10.94
N HIS A 304 25.85 -1.52 10.86
CA HIS A 304 26.74 -2.40 10.08
C HIS A 304 26.00 -3.37 9.12
N SER A 305 24.74 -3.07 8.82
CA SER A 305 23.93 -3.90 7.90
C SER A 305 24.58 -3.87 6.53
N THR A 306 24.33 -4.90 5.73
CA THR A 306 24.85 -4.99 4.34
C THR A 306 23.75 -5.23 3.32
N ASN A 307 23.90 -4.62 2.14
CA ASN A 307 22.99 -4.86 1.00
C ASN A 307 23.56 -6.07 0.20
N GLU A 308 22.71 -7.00 -0.17
N GLU A 308 22.71 -7.01 -0.17
CA GLU A 308 23.16 -8.22 -0.83
CA GLU A 308 23.14 -8.29 -0.74
C GLU A 308 22.17 -8.64 -1.91
C GLU A 308 22.18 -8.70 -1.87
N VAL A 309 22.67 -8.95 -3.09
CA VAL A 309 21.82 -9.48 -4.18
C VAL A 309 21.43 -10.93 -3.82
N THR A 310 20.13 -11.20 -3.75
CA THR A 310 19.60 -12.42 -3.14
C THR A 310 18.43 -12.94 -3.96
N ARG A 311 18.31 -14.26 -4.05
CA ARG A 311 17.21 -14.85 -4.85
C ARG A 311 15.86 -14.83 -4.10
N ILE A 312 14.78 -14.49 -4.82
CA ILE A 312 13.40 -14.46 -4.28
C ILE A 312 12.53 -15.29 -5.26
N TYR A 313 11.41 -15.80 -4.74
CA TYR A 313 10.49 -16.71 -5.43
C TYR A 313 9.03 -16.34 -5.35
N ASN A 314 8.40 -16.04 -6.50
CA ASN A 314 6.93 -15.88 -6.53
C ASN A 314 6.30 -17.24 -6.90
N VAL A 315 5.12 -17.52 -6.35
CA VAL A 315 4.30 -18.66 -6.83
C VAL A 315 3.18 -18.10 -7.69
N ILE A 316 3.09 -18.59 -8.94
CA ILE A 316 2.05 -18.21 -9.92
C ILE A 316 1.17 -19.42 -10.32
N GLY A 317 -0.10 -19.35 -9.96
CA GLY A 317 -1.12 -20.39 -10.29
C GLY A 317 -2.06 -19.91 -11.37
N THR A 318 -2.48 -20.81 -12.29
CA THR A 318 -3.36 -20.46 -13.41
C THR A 318 -4.60 -21.38 -13.40
N LEU A 319 -5.79 -20.77 -13.50
CA LEU A 319 -7.08 -21.50 -13.77
C LEU A 319 -7.57 -20.94 -15.11
N ARG A 320 -7.36 -21.70 -16.18
N ARG A 320 -7.36 -21.69 -16.17
CA ARG A 320 -7.66 -21.26 -17.53
CA ARG A 320 -7.63 -21.25 -17.53
C ARG A 320 -9.15 -20.99 -17.76
C ARG A 320 -9.12 -21.02 -17.81
N GLY A 321 -9.46 -19.87 -18.42
CA GLY A 321 -10.84 -19.53 -18.77
C GLY A 321 -11.39 -20.40 -19.91
N ALA A 322 -12.68 -20.69 -19.82
CA ALA A 322 -13.40 -21.49 -20.83
C ALA A 322 -13.72 -20.74 -22.10
N VAL A 323 -14.01 -19.43 -22.00
CA VAL A 323 -14.48 -18.64 -23.17
C VAL A 323 -13.47 -17.56 -23.59
N GLU A 324 -12.91 -16.87 -22.59
CA GLU A 324 -11.87 -15.83 -22.84
C GLU A 324 -10.59 -16.14 -22.06
N PRO A 325 -9.87 -17.21 -22.47
CA PRO A 325 -8.62 -17.56 -21.79
C PRO A 325 -7.53 -16.47 -21.84
N ASP A 326 -7.60 -15.59 -22.86
CA ASP A 326 -6.71 -14.42 -23.00
C ASP A 326 -7.13 -13.12 -22.24
N ARG A 327 -7.95 -13.23 -21.20
CA ARG A 327 -8.35 -12.14 -20.34
C ARG A 327 -8.03 -12.61 -18.93
N TYR A 328 -7.26 -11.79 -18.21
CA TYR A 328 -6.70 -12.15 -16.87
C TYR A 328 -7.31 -11.33 -15.75
N VAL A 329 -7.81 -12.05 -14.75
CA VAL A 329 -8.24 -11.48 -13.46
C VAL A 329 -7.27 -12.05 -12.45
N ILE A 330 -6.57 -11.15 -11.73
CA ILE A 330 -5.48 -11.49 -10.82
C ILE A 330 -5.84 -11.27 -9.36
N LEU A 331 -5.58 -12.31 -8.53
CA LEU A 331 -5.68 -12.21 -7.07
C LEU A 331 -4.30 -12.47 -6.51
N GLY A 332 -3.69 -11.40 -5.98
CA GLY A 332 -2.31 -11.48 -5.50
C GLY A 332 -2.08 -10.86 -4.13
N GLY A 333 -1.23 -11.52 -3.36
CA GLY A 333 -0.75 -11.00 -2.11
C GLY A 333 0.56 -11.65 -1.71
N HIS A 334 1.30 -10.99 -0.82
CA HIS A 334 2.63 -11.48 -0.43
C HIS A 334 2.65 -12.57 0.67
N ARG A 335 3.81 -13.23 0.74
CA ARG A 335 4.15 -14.40 1.60
C ARG A 335 5.27 -14.12 2.58
N ASP A 336 6.25 -13.32 2.14
CA ASP A 336 7.37 -12.91 3.02
C ASP A 336 6.92 -12.08 4.18
N SER A 337 7.56 -12.29 5.33
CA SER A 337 7.22 -11.59 6.56
C SER A 337 8.50 -11.02 7.25
N TRP A 338 8.34 -10.07 8.15
CA TRP A 338 9.48 -9.60 8.98
C TRP A 338 9.87 -10.69 9.99
N VAL A 339 8.90 -11.20 10.74
CA VAL A 339 9.14 -12.35 11.64
C VAL A 339 8.06 -13.39 11.37
N PHE A 340 7.10 -13.60 12.30
CA PHE A 340 6.07 -14.68 12.13
C PHE A 340 4.95 -14.29 11.23
N GLY A 341 4.74 -12.98 11.05
CA GLY A 341 3.69 -12.55 10.07
C GLY A 341 2.24 -12.90 10.43
N GLY A 342 1.91 -12.89 11.74
CA GLY A 342 0.61 -13.37 12.18
C GLY A 342 -0.59 -12.59 11.59
N ILE A 343 -0.43 -11.26 11.49
CA ILE A 343 -1.36 -10.46 10.68
C ILE A 343 -0.78 -10.23 9.27
N ASP A 344 0.40 -9.60 9.23
CA ASP A 344 1.03 -9.14 7.99
C ASP A 344 2.14 -10.12 7.54
N PRO A 345 1.97 -10.95 6.49
CA PRO A 345 0.81 -10.99 5.57
C PRO A 345 -0.06 -12.23 5.78
N GLN A 346 0.22 -13.08 6.76
CA GLN A 346 -0.36 -14.43 6.66
C GLN A 346 -1.87 -14.50 6.91
N SER A 347 -2.43 -13.50 7.61
CA SER A 347 -3.89 -13.40 7.67
C SER A 347 -4.57 -13.24 6.27
N GLY A 348 -3.84 -12.59 5.37
CA GLY A 348 -4.19 -12.45 3.93
C GLY A 348 -3.89 -13.69 3.10
N ALA A 349 -2.69 -14.24 3.27
CA ALA A 349 -2.30 -15.42 2.52
C ALA A 349 -3.18 -16.65 2.83
N ALA A 350 -3.64 -16.77 4.08
CA ALA A 350 -4.52 -17.90 4.48
C ALA A 350 -5.88 -17.78 3.80
N VAL A 351 -6.34 -16.54 3.65
CA VAL A 351 -7.55 -16.21 2.92
C VAL A 351 -7.42 -16.59 1.41
N VAL A 352 -6.32 -16.19 0.77
CA VAL A 352 -6.03 -16.58 -0.63
C VAL A 352 -6.06 -18.16 -0.81
N HIS A 353 -5.44 -18.88 0.13
CA HIS A 353 -5.27 -20.32 0.08
C HIS A 353 -6.66 -20.96 0.09
N GLU A 354 -7.58 -20.50 0.93
CA GLU A 354 -8.95 -21.03 0.97
C GLU A 354 -9.75 -20.66 -0.26
N ILE A 355 -9.52 -19.47 -0.80
CA ILE A 355 -10.14 -19.07 -2.09
C ILE A 355 -9.72 -19.98 -3.24
N VAL A 356 -8.42 -20.29 -3.32
CA VAL A 356 -7.89 -21.23 -4.32
C VAL A 356 -8.59 -22.60 -4.14
N ARG A 357 -8.66 -23.05 -2.88
CA ARG A 357 -9.22 -24.38 -2.57
C ARG A 357 -10.69 -24.47 -3.08
N SER A 358 -11.46 -23.40 -2.85
CA SER A 358 -12.85 -23.34 -3.26
C SER A 358 -13.03 -23.29 -4.78
N PHE A 359 -12.29 -22.42 -5.48
CA PHE A 359 -12.31 -22.44 -6.98
C PHE A 359 -11.93 -23.83 -7.53
N GLY A 360 -10.96 -24.48 -6.88
CA GLY A 360 -10.48 -25.79 -7.26
C GLY A 360 -11.51 -26.91 -7.09
N THR A 361 -12.32 -26.83 -6.06
CA THR A 361 -13.39 -27.81 -5.85
C THR A 361 -14.44 -27.68 -6.98
N LEU A 362 -14.81 -26.44 -7.33
CA LEU A 362 -15.71 -26.25 -8.48
C LEU A 362 -15.10 -26.81 -9.78
N LYS A 363 -13.81 -26.55 -9.99
CA LYS A 363 -13.11 -27.05 -11.16
C LYS A 363 -13.10 -28.61 -11.25
N LYS A 364 -12.89 -29.29 -10.13
CA LYS A 364 -12.97 -30.75 -10.11
C LYS A 364 -14.34 -31.34 -10.47
N GLU A 365 -15.42 -30.59 -10.26
CA GLU A 365 -16.79 -30.96 -10.69
C GLU A 365 -17.14 -30.52 -12.12
N GLY A 366 -16.17 -29.98 -12.85
CA GLY A 366 -16.29 -29.69 -14.27
C GLY A 366 -16.48 -28.23 -14.64
N TRP A 367 -16.47 -27.31 -13.65
CA TRP A 367 -16.75 -25.90 -13.92
C TRP A 367 -15.44 -25.23 -14.28
N ARG A 368 -15.54 -24.16 -15.06
CA ARG A 368 -14.41 -23.25 -15.32
C ARG A 368 -14.97 -21.86 -15.36
N PRO A 369 -14.17 -20.86 -14.93
CA PRO A 369 -14.58 -19.48 -15.12
C PRO A 369 -14.60 -19.08 -16.58
N ARG A 370 -15.31 -18.01 -16.91
CA ARG A 370 -15.34 -17.49 -18.28
C ARG A 370 -13.95 -16.99 -18.70
N ARG A 371 -13.37 -16.13 -17.85
CA ARG A 371 -11.99 -15.59 -18.05
C ARG A 371 -10.95 -16.33 -17.19
N THR A 372 -9.68 -16.22 -17.59
CA THR A 372 -8.57 -16.82 -16.81
C THR A 372 -8.39 -16.09 -15.47
N ILE A 373 -8.19 -16.88 -14.40
CA ILE A 373 -7.81 -16.36 -13.09
C ILE A 373 -6.36 -16.74 -12.79
N LEU A 374 -5.53 -15.75 -12.44
CA LEU A 374 -4.17 -15.93 -11.98
C LEU A 374 -4.14 -15.64 -10.47
N PHE A 375 -3.51 -16.56 -9.75
CA PHE A 375 -3.29 -16.46 -8.31
C PHE A 375 -1.78 -16.29 -8.05
N ALA A 376 -1.42 -15.32 -7.19
CA ALA A 376 0.00 -15.00 -6.87
C ALA A 376 0.30 -14.93 -5.37
N SER A 377 1.41 -15.58 -5.03
CA SER A 377 2.07 -15.53 -3.74
C SER A 377 3.41 -14.80 -3.95
N TRP A 378 3.41 -13.50 -3.68
CA TRP A 378 4.55 -12.64 -3.97
C TRP A 378 5.63 -12.73 -2.89
N ASP A 379 6.91 -12.57 -3.33
CA ASP A 379 8.03 -12.52 -2.38
C ASP A 379 8.54 -11.08 -2.28
N ALA A 380 9.34 -10.83 -1.25
CA ALA A 380 10.06 -9.58 -1.00
C ALA A 380 9.21 -8.29 -1.05
N GLU A 381 7.92 -8.38 -0.70
CA GLU A 381 7.07 -7.16 -0.57
C GLU A 381 7.64 -6.21 0.50
N GLU A 382 8.14 -6.76 1.61
CA GLU A 382 8.57 -5.93 2.74
C GLU A 382 9.83 -5.12 2.39
N PHE A 383 10.59 -5.52 1.32
CA PHE A 383 11.81 -4.82 0.92
C PHE A 383 11.60 -3.89 -0.28
N GLY A 384 10.33 -3.59 -0.61
CA GLY A 384 9.99 -2.59 -1.66
C GLY A 384 9.09 -3.04 -2.80
N LEU A 385 8.19 -3.98 -2.51
CA LEU A 385 7.27 -4.48 -3.54
C LEU A 385 8.06 -5.17 -4.70
N LEU A 386 9.14 -5.86 -4.33
CA LEU A 386 10.10 -6.33 -5.33
C LEU A 386 9.60 -7.51 -6.17
N GLY A 387 9.01 -8.53 -5.57
CA GLY A 387 8.55 -9.68 -6.33
C GLY A 387 7.40 -9.40 -7.29
N SER A 388 6.39 -8.65 -6.86
CA SER A 388 5.30 -8.27 -7.79
C SER A 388 5.84 -7.39 -8.92
N THR A 389 6.73 -6.43 -8.58
CA THR A 389 7.16 -5.46 -9.59
C THR A 389 8.07 -6.15 -10.63
N GLU A 390 8.97 -7.02 -10.20
CA GLU A 390 9.84 -7.71 -11.19
C GLU A 390 9.01 -8.61 -12.15
N TRP A 391 8.06 -9.33 -11.59
CA TRP A 391 7.16 -10.19 -12.36
C TRP A 391 6.37 -9.35 -13.40
N ALA A 392 5.82 -8.25 -12.94
CA ALA A 392 5.11 -7.40 -13.87
C ALA A 392 6.01 -6.78 -14.97
N GLU A 393 7.28 -6.42 -14.63
CA GLU A 393 8.24 -5.94 -15.63
C GLU A 393 8.51 -7.02 -16.66
N GLU A 394 8.59 -8.28 -16.20
CA GLU A 394 8.79 -9.39 -17.12
C GLU A 394 7.63 -9.58 -18.10
N ASN A 395 6.42 -9.46 -17.57
CA ASN A 395 5.17 -9.83 -18.28
C ASN A 395 4.36 -8.61 -18.71
N SER A 396 4.98 -7.42 -18.75
CA SER A 396 4.24 -6.19 -18.98
C SER A 396 3.41 -6.16 -20.25
N ARG A 397 3.95 -6.72 -21.34
CA ARG A 397 3.17 -6.73 -22.61
C ARG A 397 1.89 -7.61 -22.54
N LEU A 398 1.95 -8.71 -21.80
CA LEU A 398 0.75 -9.59 -21.65
C LEU A 398 -0.26 -8.88 -20.74
N LEU A 399 0.26 -8.26 -19.69
CA LEU A 399 -0.61 -7.59 -18.69
C LEU A 399 -1.32 -6.39 -19.29
N GLN A 400 -0.61 -5.63 -20.07
CA GLN A 400 -1.30 -4.43 -20.58
C GLN A 400 -2.32 -4.67 -21.67
N GLU A 401 -2.14 -5.71 -22.47
CA GLU A 401 -3.16 -6.05 -23.47
C GLU A 401 -4.25 -7.03 -23.01
N ARG A 402 -4.03 -7.75 -21.90
CA ARG A 402 -4.95 -8.80 -21.44
C ARG A 402 -5.48 -8.61 -19.99
N GLY A 403 -4.94 -7.64 -19.23
CA GLY A 403 -5.23 -7.53 -17.79
C GLY A 403 -6.54 -6.83 -17.53
N VAL A 404 -7.52 -7.59 -16.98
CA VAL A 404 -8.82 -7.05 -16.65
C VAL A 404 -8.83 -6.31 -15.33
N ALA A 405 -8.27 -6.95 -14.30
CA ALA A 405 -8.29 -6.41 -12.97
C ALA A 405 -7.34 -7.12 -12.02
N TYR A 406 -6.93 -6.35 -11.01
CA TYR A 406 -6.03 -6.85 -9.91
C TYR A 406 -6.71 -6.62 -8.56
N ILE A 407 -6.85 -7.70 -7.77
CA ILE A 407 -7.39 -7.61 -6.39
C ILE A 407 -6.23 -8.00 -5.46
N ASN A 408 -5.84 -7.08 -4.57
CA ASN A 408 -4.74 -7.36 -3.65
C ASN A 408 -5.21 -8.22 -2.46
N ALA A 409 -4.24 -8.82 -1.74
CA ALA A 409 -4.60 -9.73 -0.62
C ALA A 409 -3.50 -9.83 0.41
N ASP A 410 -3.14 -8.66 0.98
CA ASP A 410 -2.30 -8.60 2.17
C ASP A 410 -3.26 -8.75 3.40
N SER A 411 -2.84 -8.23 4.53
N SER A 411 -2.84 -8.30 4.56
CA SER A 411 -3.51 -8.47 5.85
CA SER A 411 -3.52 -8.54 5.83
C SER A 411 -5.07 -8.38 5.72
C SER A 411 -5.04 -8.40 5.74
N SER A 412 -5.76 -9.43 6.20
N SER A 412 -5.75 -9.42 6.20
CA SER A 412 -7.23 -9.48 6.15
CA SER A 412 -7.20 -9.45 6.14
C SER A 412 -7.87 -8.65 7.28
C SER A 412 -7.87 -8.65 7.28
N ILE A 413 -7.11 -8.35 8.33
CA ILE A 413 -7.60 -7.59 9.48
C ILE A 413 -6.58 -6.55 9.94
N GLU A 414 -7.06 -5.39 10.39
CA GLU A 414 -6.22 -4.43 11.15
C GLU A 414 -7.05 -3.87 12.37
N GLY A 415 -8.16 -4.54 12.65
CA GLY A 415 -9.17 -4.22 13.68
C GLY A 415 -10.37 -5.16 13.49
N ASN A 416 -11.44 -4.95 14.27
CA ASN A 416 -12.62 -5.86 14.20
C ASN A 416 -13.92 -5.06 14.24
N TYR A 417 -13.88 -3.82 13.74
CA TYR A 417 -15.01 -2.89 13.79
C TYR A 417 -15.89 -2.93 12.54
N THR A 418 -15.29 -2.72 11.35
CA THR A 418 -16.11 -2.69 10.13
C THR A 418 -15.21 -2.93 8.89
N LEU A 419 -15.85 -3.02 7.73
CA LEU A 419 -15.12 -3.16 6.45
C LEU A 419 -14.37 -1.90 6.03
N ARG A 420 -13.25 -2.09 5.31
CA ARG A 420 -12.52 -1.02 4.63
C ARG A 420 -12.30 -1.50 3.18
N VAL A 421 -12.63 -0.66 2.21
CA VAL A 421 -12.36 -0.86 0.77
C VAL A 421 -11.61 0.41 0.24
N ASP A 422 -10.51 0.21 -0.47
CA ASP A 422 -9.86 1.22 -1.30
C ASP A 422 -9.82 0.65 -2.73
N CYS A 423 -10.27 1.39 -3.74
CA CYS A 423 -10.32 0.86 -5.08
C CYS A 423 -10.55 1.93 -6.13
N THR A 424 -10.30 1.59 -7.38
CA THR A 424 -10.75 2.42 -8.52
C THR A 424 -12.25 2.70 -8.54
N PRO A 425 -12.68 3.93 -8.94
CA PRO A 425 -14.14 4.15 -9.10
C PRO A 425 -14.80 3.11 -9.99
N LEU A 426 -14.05 2.46 -10.93
CA LEU A 426 -14.67 1.47 -11.76
C LEU A 426 -15.25 0.25 -11.00
N MET A 427 -14.82 0.01 -9.75
N MET A 427 -14.80 0.02 -9.76
CA MET A 427 -15.38 -1.10 -8.96
CA MET A 427 -15.31 -1.07 -8.93
C MET A 427 -16.37 -0.66 -7.86
C MET A 427 -16.38 -0.67 -7.91
N TYR A 428 -16.74 0.61 -7.78
CA TYR A 428 -17.69 1.04 -6.69
C TYR A 428 -19.05 0.28 -6.71
N SER A 429 -19.63 0.18 -7.89
N SER A 429 -19.66 0.20 -7.90
CA SER A 429 -20.96 -0.45 -8.04
CA SER A 429 -20.97 -0.49 -8.11
C SER A 429 -20.91 -1.97 -7.84
C SER A 429 -20.87 -1.96 -7.77
N LEU A 430 -19.87 -2.63 -8.34
CA LEU A 430 -19.53 -4.03 -7.97
C LEU A 430 -19.46 -4.28 -6.46
N VAL A 431 -18.73 -3.42 -5.74
CA VAL A 431 -18.58 -3.55 -4.26
C VAL A 431 -19.93 -3.32 -3.55
N HIS A 432 -20.66 -2.28 -3.94
CA HIS A 432 -22.00 -2.01 -3.36
C HIS A 432 -22.94 -3.24 -3.55
N ASN A 433 -23.02 -3.74 -4.78
CA ASN A 433 -23.89 -4.88 -5.13
C ASN A 433 -23.52 -6.17 -4.39
N LEU A 434 -22.24 -6.50 -4.35
CA LEU A 434 -21.77 -7.68 -3.64
C LEU A 434 -22.04 -7.61 -2.12
N THR A 435 -21.66 -6.50 -1.47
CA THR A 435 -21.83 -6.36 -0.01
C THR A 435 -23.33 -6.38 0.43
N LYS A 436 -24.25 -5.96 -0.46
CA LYS A 436 -25.71 -6.11 -0.23
C LYS A 436 -26.18 -7.55 -0.16
N GLU A 437 -25.45 -8.48 -0.78
CA GLU A 437 -25.79 -9.91 -0.77
C GLU A 437 -25.04 -10.73 0.26
N LEU A 438 -24.10 -10.13 0.99
CA LEU A 438 -23.35 -10.84 2.02
C LEU A 438 -23.96 -10.54 3.39
N LYS A 439 -23.84 -11.50 4.29
CA LYS A 439 -24.28 -11.33 5.70
C LYS A 439 -23.26 -10.56 6.56
N SER A 440 -23.72 -9.63 7.39
CA SER A 440 -22.84 -8.94 8.34
C SER A 440 -22.39 -9.92 9.42
N PRO A 441 -21.08 -9.93 9.74
CA PRO A 441 -20.60 -10.71 10.90
C PRO A 441 -20.69 -9.97 12.23
N ASP A 442 -21.17 -8.72 12.23
CA ASP A 442 -21.00 -7.83 13.36
C ASP A 442 -22.06 -8.13 14.44
N GLU A 443 -21.66 -7.96 15.69
CA GLU A 443 -22.59 -8.05 16.84
C GLU A 443 -23.61 -6.93 16.72
N GLY A 444 -24.90 -7.28 16.86
CA GLY A 444 -26.01 -6.32 16.68
C GLY A 444 -26.59 -6.20 15.29
N PHE A 445 -25.97 -6.85 14.29
CA PHE A 445 -26.45 -6.84 12.90
C PHE A 445 -26.72 -8.25 12.38
N GLU A 446 -26.97 -9.21 13.27
N GLU A 446 -27.03 -9.19 13.28
CA GLU A 446 -27.29 -10.58 12.81
CA GLU A 446 -27.45 -10.53 12.91
C GLU A 446 -28.58 -10.54 12.01
C GLU A 446 -28.63 -10.46 11.96
N GLY A 447 -28.55 -11.17 10.84
CA GLY A 447 -29.63 -11.13 9.84
C GLY A 447 -29.61 -9.96 8.87
N LYS A 448 -28.68 -9.02 9.04
CA LYS A 448 -28.58 -7.84 8.18
C LYS A 448 -27.41 -8.02 7.20
N SER A 449 -27.41 -7.20 6.16
CA SER A 449 -26.38 -7.30 5.13
C SER A 449 -25.09 -6.62 5.61
N LEU A 450 -23.96 -7.06 5.05
CA LEU A 450 -22.67 -6.36 5.27
C LEU A 450 -22.77 -4.91 4.78
N TYR A 451 -23.50 -4.66 3.69
CA TYR A 451 -23.71 -3.26 3.23
C TYR A 451 -24.31 -2.36 4.34
N GLU A 452 -25.30 -2.90 5.06
CA GLU A 452 -25.99 -2.12 6.11
C GLU A 452 -25.06 -1.77 7.28
N SER A 453 -24.34 -2.77 7.77
CA SER A 453 -23.44 -2.55 8.88
C SER A 453 -22.28 -1.58 8.54
N TRP A 454 -21.69 -1.79 7.39
CA TRP A 454 -20.56 -0.99 6.91
C TRP A 454 -21.01 0.47 6.69
N THR A 455 -22.18 0.63 6.07
CA THR A 455 -22.69 1.97 5.78
C THR A 455 -23.01 2.72 7.10
N LYS A 456 -23.63 2.02 8.05
CA LYS A 456 -23.88 2.57 9.39
C LYS A 456 -22.60 2.98 10.14
N LYS A 457 -21.60 2.10 10.17
CA LYS A 457 -20.35 2.37 10.91
C LYS A 457 -19.34 3.27 10.22
N SER A 458 -19.35 3.33 8.88
CA SER A 458 -18.40 4.10 8.08
C SER A 458 -19.12 4.85 6.96
N PRO A 459 -19.91 5.88 7.33
CA PRO A 459 -20.67 6.59 6.32
C PRO A 459 -19.81 7.37 5.36
N SER A 460 -20.25 7.40 4.13
CA SER A 460 -19.65 8.26 3.14
C SER A 460 -19.70 9.75 3.54
N PRO A 461 -18.56 10.46 3.44
CA PRO A 461 -18.62 11.93 3.66
C PRO A 461 -19.43 12.68 2.57
N GLU A 462 -19.57 12.12 1.37
CA GLU A 462 -20.37 12.73 0.29
C GLU A 462 -21.89 12.40 0.33
N PHE A 463 -22.25 11.12 0.44
CA PHE A 463 -23.61 10.65 0.14
C PHE A 463 -24.26 9.87 1.27
N SER A 464 -25.39 10.39 1.72
CA SER A 464 -26.17 9.75 2.76
C SER A 464 -26.68 8.39 2.24
N GLY A 465 -26.64 7.38 3.11
CA GLY A 465 -27.07 6.02 2.78
C GLY A 465 -26.08 5.18 1.96
N MET A 466 -24.85 5.68 1.79
N MET A 466 -24.84 5.67 1.84
CA MET A 466 -23.75 4.91 1.15
CA MET A 466 -23.74 4.94 1.16
C MET A 466 -22.54 4.84 2.08
C MET A 466 -22.46 4.92 2.01
N PRO A 467 -21.64 3.86 1.86
CA PRO A 467 -20.40 3.71 2.67
C PRO A 467 -19.18 4.44 2.10
N ARG A 468 -18.24 4.72 2.99
CA ARG A 468 -16.94 5.26 2.59
C ARG A 468 -16.14 4.24 1.74
N ILE A 469 -15.69 4.66 0.57
CA ILE A 469 -14.66 3.90 -0.21
C ILE A 469 -13.51 4.85 -0.53
N SER A 470 -12.28 4.50 -0.14
CA SER A 470 -11.13 5.42 -0.29
C SER A 470 -10.41 5.25 -1.65
N LYS A 471 -9.64 6.28 -2.02
N LYS A 471 -9.67 6.26 -2.09
CA LYS A 471 -8.67 6.21 -3.14
CA LYS A 471 -8.81 6.09 -3.28
C LYS A 471 -7.62 5.13 -2.81
C LYS A 471 -7.59 5.24 -2.87
N LEU A 472 -7.03 4.51 -3.83
CA LEU A 472 -5.82 3.71 -3.58
C LEU A 472 -4.65 4.68 -3.33
N GLY A 473 -3.84 4.38 -2.34
CA GLY A 473 -2.52 5.02 -2.10
C GLY A 473 -1.44 4.04 -2.63
N SER A 474 -0.37 3.79 -1.83
CA SER A 474 0.60 2.77 -2.18
C SER A 474 1.17 2.10 -0.93
N GLY A 475 2.37 1.51 -1.01
CA GLY A 475 2.88 0.73 0.15
C GLY A 475 2.33 -0.70 0.12
N ASN A 476 1.94 -1.15 -1.06
CA ASN A 476 1.56 -2.59 -1.25
C ASN A 476 1.61 -3.01 -2.72
N ASP A 477 1.33 -4.30 -2.99
CA ASP A 477 1.76 -4.96 -4.24
C ASP A 477 0.85 -4.62 -5.47
N PHE A 478 -0.22 -3.86 -5.27
CA PHE A 478 -1.00 -3.32 -6.39
C PHE A 478 -0.32 -2.17 -7.14
N GLU A 479 0.75 -1.59 -6.60
CA GLU A 479 1.31 -0.35 -7.17
C GLU A 479 1.74 -0.49 -8.64
N VAL A 480 2.44 -1.56 -8.98
CA VAL A 480 2.87 -1.73 -10.37
C VAL A 480 1.67 -1.95 -11.34
N PHE A 481 0.67 -2.68 -10.84
CA PHE A 481 -0.51 -2.93 -11.67
C PHE A 481 -1.34 -1.67 -11.94
N PHE A 482 -1.58 -0.86 -10.91
CA PHE A 482 -2.43 0.34 -11.02
C PHE A 482 -1.71 1.57 -11.54
N GLN A 483 -0.71 2.06 -10.80
CA GLN A 483 -0.07 3.33 -11.12
C GLN A 483 0.97 3.26 -12.26
N ARG A 484 1.58 2.08 -12.47
CA ARG A 484 2.46 1.91 -13.65
C ARG A 484 1.73 1.46 -14.93
N LEU A 485 1.00 0.34 -14.80
CA LEU A 485 0.35 -0.28 -15.95
C LEU A 485 -1.11 0.11 -16.25
N GLY A 486 -1.84 0.70 -15.31
CA GLY A 486 -3.24 1.12 -15.58
C GLY A 486 -4.24 0.00 -15.66
N ILE A 487 -4.06 -0.98 -14.77
CA ILE A 487 -5.02 -2.07 -14.61
C ILE A 487 -5.93 -1.75 -13.43
N ALA A 488 -7.25 -1.86 -13.64
CA ALA A 488 -8.26 -1.57 -12.60
C ALA A 488 -7.92 -2.39 -11.35
N SER A 489 -7.80 -1.74 -10.19
CA SER A 489 -7.30 -2.44 -8.94
C SER A 489 -8.15 -2.11 -7.72
N GLY A 490 -8.13 -3.02 -6.74
CA GLY A 490 -8.82 -2.81 -5.48
C GLY A 490 -8.27 -3.67 -4.33
N ARG A 491 -8.68 -3.36 -3.13
CA ARG A 491 -8.28 -4.07 -1.89
C ARG A 491 -9.40 -3.93 -0.82
N ALA A 492 -9.46 -4.89 0.11
CA ALA A 492 -10.49 -4.88 1.15
C ALA A 492 -10.02 -5.65 2.38
N ARG A 493 -10.33 -5.14 3.57
CA ARG A 493 -10.00 -5.83 4.81
C ARG A 493 -10.95 -5.38 5.91
N TYR A 494 -10.92 -6.06 7.06
CA TYR A 494 -11.64 -5.51 8.25
C TYR A 494 -10.72 -4.51 8.95
N THR A 495 -11.30 -3.44 9.54
CA THR A 495 -10.49 -2.34 10.11
C THR A 495 -11.06 -1.91 11.49
N LYS A 496 -10.35 -0.98 12.13
CA LYS A 496 -10.70 -0.44 13.46
C LYS A 496 -11.64 0.78 13.30
N ASN A 497 -12.15 1.31 14.41
CA ASN A 497 -12.89 2.58 14.37
C ASN A 497 -11.78 3.58 14.44
N TRP A 498 -11.73 4.60 13.63
CA TRP A 498 -10.48 5.40 13.68
C TRP A 498 -10.47 6.51 14.80
N GLU A 499 -10.92 6.12 16.01
CA GLU A 499 -10.77 6.90 17.27
C GLU A 499 -9.49 6.43 17.99
N THR A 500 -9.17 7.06 19.11
CA THR A 500 -7.91 6.79 19.83
C THR A 500 -6.64 6.98 18.94
N ASN A 501 -6.10 5.92 18.31
CA ASN A 501 -4.77 5.98 17.60
C ASN A 501 -4.92 6.27 16.08
N LYS A 502 -5.41 7.47 15.78
CA LYS A 502 -5.98 7.75 14.44
C LYS A 502 -4.97 7.95 13.31
N PHE A 503 -3.67 7.90 13.61
CA PHE A 503 -2.62 8.20 12.66
C PHE A 503 -1.59 7.05 12.45
N SER A 504 -2.03 5.80 12.63
CA SER A 504 -1.12 4.68 12.65
C SER A 504 -1.88 3.39 12.39
N GLY A 505 -1.17 2.34 12.00
CA GLY A 505 -1.79 1.05 11.84
C GLY A 505 -1.91 0.44 13.25
N TYR A 506 -2.13 -0.85 13.27
CA TYR A 506 -2.33 -1.59 14.53
C TYR A 506 -1.04 -1.60 15.38
N PRO A 507 -1.17 -1.71 16.72
CA PRO A 507 0.01 -1.45 17.56
C PRO A 507 1.21 -2.36 17.34
N LEU A 508 0.96 -3.62 17.03
CA LEU A 508 2.04 -4.65 16.96
C LEU A 508 2.59 -4.81 15.53
N TYR A 509 2.23 -3.90 14.63
CA TYR A 509 2.77 -3.85 13.25
C TYR A 509 4.29 -4.01 13.11
N HIS A 510 4.71 -5.07 12.42
CA HIS A 510 6.10 -5.37 12.03
C HIS A 510 7.01 -5.66 13.26
N SER A 511 6.38 -6.08 14.35
CA SER A 511 7.07 -6.51 15.57
C SER A 511 7.04 -8.07 15.73
N VAL A 512 7.96 -8.59 16.55
CA VAL A 512 8.04 -10.04 16.82
C VAL A 512 6.68 -10.53 17.45
N TYR A 513 5.89 -9.62 18.00
CA TYR A 513 4.65 -10.00 18.73
C TYR A 513 3.47 -10.28 17.84
N GLU A 514 3.57 -9.98 16.52
CA GLU A 514 2.51 -10.40 15.58
C GLU A 514 2.48 -11.89 15.32
N THR A 515 1.64 -12.64 16.05
CA THR A 515 1.67 -14.09 16.05
C THR A 515 0.29 -14.64 15.76
N TYR A 516 0.22 -15.94 15.52
CA TYR A 516 -1.07 -16.65 15.48
C TYR A 516 -1.91 -16.30 16.73
N GLU A 517 -1.26 -16.31 17.90
CA GLU A 517 -2.03 -16.11 19.15
C GLU A 517 -2.62 -14.71 19.25
N LEU A 518 -1.90 -13.70 18.76
CA LEU A 518 -2.46 -12.35 18.67
C LEU A 518 -3.81 -12.36 17.96
N VAL A 519 -3.88 -13.05 16.83
CA VAL A 519 -5.10 -13.09 16.01
C VAL A 519 -6.24 -13.89 16.70
N GLU A 520 -5.94 -15.12 17.10
CA GLU A 520 -6.90 -16.08 17.67
C GLU A 520 -7.42 -15.60 19.02
N LYS A 521 -6.57 -15.00 19.85
CA LYS A 521 -7.04 -14.50 21.16
C LYS A 521 -7.74 -13.15 21.10
N PHE A 522 -7.22 -12.18 20.32
CA PHE A 522 -7.62 -10.77 20.50
C PHE A 522 -8.34 -10.13 19.29
N TYR A 523 -8.11 -10.60 18.07
CA TYR A 523 -8.76 -9.97 16.87
C TYR A 523 -10.00 -10.73 16.40
N ASP A 524 -9.89 -12.06 16.24
CA ASP A 524 -10.92 -12.82 15.50
C ASP A 524 -11.02 -14.28 15.92
N PRO A 525 -11.46 -14.52 17.19
CA PRO A 525 -11.44 -15.88 17.67
C PRO A 525 -12.28 -16.88 16.90
N MET A 526 -13.41 -16.46 16.32
N MET A 526 -13.40 -16.44 16.32
CA MET A 526 -14.28 -17.33 15.51
CA MET A 526 -14.28 -17.31 15.51
C MET A 526 -13.87 -17.38 14.00
C MET A 526 -13.88 -17.36 14.01
N PHE A 527 -12.91 -16.54 13.61
CA PHE A 527 -12.50 -16.42 12.22
C PHE A 527 -13.61 -15.95 11.27
N LYS A 528 -14.56 -15.22 11.86
CA LYS A 528 -15.71 -14.71 11.14
C LYS A 528 -15.34 -13.46 10.31
N TYR A 529 -14.46 -12.62 10.83
CA TYR A 529 -14.06 -11.43 10.05
C TYR A 529 -13.19 -11.89 8.87
N HIS A 530 -12.30 -12.84 9.10
CA HIS A 530 -11.54 -13.53 8.00
C HIS A 530 -12.45 -14.12 6.92
N LEU A 531 -13.51 -14.82 7.35
CA LEU A 531 -14.46 -15.41 6.41
C LEU A 531 -15.19 -14.33 5.59
N THR A 532 -15.63 -13.27 6.24
CA THR A 532 -16.26 -12.15 5.52
C THR A 532 -15.28 -11.54 4.48
N VAL A 533 -14.03 -11.30 4.88
CA VAL A 533 -13.01 -10.81 3.93
C VAL A 533 -12.74 -11.76 2.77
N ALA A 534 -12.75 -13.08 3.01
CA ALA A 534 -12.63 -14.06 1.93
C ALA A 534 -13.80 -14.01 0.93
N GLN A 535 -15.00 -13.82 1.45
CA GLN A 535 -16.20 -13.63 0.62
C GLN A 535 -16.18 -12.34 -0.19
N VAL A 536 -15.69 -11.24 0.39
CA VAL A 536 -15.55 -9.96 -0.39
C VAL A 536 -14.48 -10.10 -1.48
N ARG A 537 -13.26 -10.52 -1.11
CA ARG A 537 -12.14 -10.64 -2.09
C ARG A 537 -12.50 -11.69 -3.15
N GLY A 538 -12.92 -12.88 -2.68
CA GLY A 538 -13.36 -13.95 -3.56
C GLY A 538 -14.56 -13.66 -4.48
N GLY A 539 -15.58 -13.05 -3.91
CA GLY A 539 -16.73 -12.61 -4.66
C GLY A 539 -16.39 -11.60 -5.74
N MET A 540 -15.49 -10.64 -5.44
CA MET A 540 -15.07 -9.68 -6.46
C MET A 540 -14.39 -10.41 -7.62
N VAL A 541 -13.47 -11.32 -7.31
CA VAL A 541 -12.74 -12.09 -8.35
C VAL A 541 -13.73 -12.92 -9.18
N PHE A 542 -14.68 -13.58 -8.49
CA PHE A 542 -15.71 -14.44 -9.19
C PHE A 542 -16.46 -13.60 -10.25
N GLU A 543 -17.02 -12.47 -9.83
N GLU A 543 -16.99 -12.46 -9.84
CA GLU A 543 -17.73 -11.57 -10.74
CA GLU A 543 -17.75 -11.62 -10.74
C GLU A 543 -16.87 -11.08 -11.91
C GLU A 543 -16.93 -10.96 -11.87
N LEU A 544 -15.66 -10.59 -11.59
CA LEU A 544 -14.76 -10.05 -12.62
C LEU A 544 -14.41 -11.12 -13.67
N ALA A 545 -14.21 -12.36 -13.21
CA ALA A 545 -13.85 -13.46 -14.07
C ALA A 545 -15.06 -14.15 -14.76
N ASN A 546 -16.27 -13.94 -14.24
CA ASN A 546 -17.47 -14.63 -14.80
C ASN A 546 -18.61 -13.86 -15.38
N SER A 547 -18.77 -12.60 -15.01
CA SER A 547 -19.88 -11.78 -15.59
C SER A 547 -19.69 -11.61 -17.10
N ILE A 548 -20.78 -11.74 -17.85
N ILE A 548 -20.80 -11.76 -17.84
CA ILE A 548 -20.67 -11.64 -19.30
CA ILE A 548 -20.78 -11.63 -19.28
C ILE A 548 -20.16 -10.26 -19.73
C ILE A 548 -20.17 -10.28 -19.69
N VAL A 549 -20.81 -9.21 -19.21
CA VAL A 549 -20.30 -7.83 -19.34
C VAL A 549 -19.41 -7.56 -18.14
N LEU A 550 -18.20 -7.02 -18.35
CA LEU A 550 -17.37 -6.64 -17.19
C LEU A 550 -18.13 -5.76 -16.18
N PRO A 551 -17.98 -6.03 -14.87
CA PRO A 551 -18.72 -5.28 -13.84
C PRO A 551 -18.10 -3.91 -13.40
N PHE A 552 -17.88 -3.04 -14.38
CA PHE A 552 -17.30 -1.70 -14.21
C PHE A 552 -18.36 -0.69 -14.66
N ASP A 553 -18.58 0.36 -13.88
CA ASP A 553 -19.49 1.44 -14.26
C ASP A 553 -18.71 2.72 -14.51
N CYS A 554 -18.49 3.04 -15.79
N CYS A 554 -18.49 3.08 -15.77
CA CYS A 554 -17.76 4.27 -16.18
CA CYS A 554 -17.71 4.28 -16.11
C CYS A 554 -18.34 5.56 -15.62
C CYS A 554 -18.35 5.59 -15.66
N ARG A 555 -19.65 5.57 -15.35
CA ARG A 555 -20.32 6.77 -14.77
C ARG A 555 -19.77 7.15 -13.35
N ASP A 556 -19.34 6.16 -12.58
CA ASP A 556 -18.75 6.42 -11.28
C ASP A 556 -17.39 7.15 -11.42
N TYR A 557 -16.64 6.92 -12.52
CA TYR A 557 -15.40 7.71 -12.73
C TYR A 557 -15.77 9.16 -13.03
N ALA A 558 -16.86 9.39 -13.76
CA ALA A 558 -17.26 10.76 -14.11
C ALA A 558 -17.55 11.63 -12.89
N VAL A 559 -18.26 11.04 -11.93
CA VAL A 559 -18.61 11.68 -10.67
C VAL A 559 -17.32 12.07 -9.85
N VAL A 560 -16.39 11.13 -9.66
CA VAL A 560 -15.17 11.49 -8.91
C VAL A 560 -14.27 12.48 -9.65
N LEU A 561 -14.16 12.40 -10.98
CA LEU A 561 -13.38 13.36 -11.76
C LEU A 561 -13.87 14.80 -11.49
N ARG A 562 -15.18 15.01 -11.40
CA ARG A 562 -15.71 16.35 -11.04
C ARG A 562 -15.31 16.82 -9.65
N LYS A 563 -15.44 15.93 -8.65
CA LYS A 563 -14.98 16.17 -7.31
C LYS A 563 -13.49 16.55 -7.27
N TYR A 564 -12.64 15.79 -7.98
CA TYR A 564 -11.21 16.09 -7.97
C TYR A 564 -10.89 17.43 -8.67
N ALA A 565 -11.59 17.73 -9.74
CA ALA A 565 -11.40 18.99 -10.43
C ALA A 565 -11.79 20.20 -9.53
N ASP A 566 -12.95 20.12 -8.88
CA ASP A 566 -13.35 21.15 -7.87
C ASP A 566 -12.24 21.31 -6.77
N LYS A 567 -11.70 20.20 -6.28
N LYS A 567 -11.70 20.19 -6.26
CA LYS A 567 -10.70 20.26 -5.25
CA LYS A 567 -10.65 20.25 -5.22
C LYS A 567 -9.40 20.96 -5.69
C LYS A 567 -9.39 20.96 -5.68
N ILE A 568 -8.86 20.59 -6.85
CA ILE A 568 -7.63 21.19 -7.32
C ILE A 568 -7.81 22.69 -7.70
N TYR A 569 -8.95 23.00 -8.31
CA TYR A 569 -9.30 24.43 -8.56
C TYR A 569 -9.29 25.25 -7.23
N SER A 570 -9.91 24.70 -6.18
CA SER A 570 -9.95 25.38 -4.86
C SER A 570 -8.58 25.63 -4.27
N ILE A 571 -7.63 24.68 -4.47
CA ILE A 571 -6.26 24.87 -4.03
C ILE A 571 -5.60 26.02 -4.78
N SER A 572 -5.78 26.07 -6.09
CA SER A 572 -5.19 27.10 -6.88
C SER A 572 -5.73 28.50 -6.51
N MET A 573 -7.03 28.54 -6.24
N MET A 573 -7.03 28.59 -6.25
CA MET A 573 -7.74 29.81 -5.88
CA MET A 573 -7.69 29.87 -5.94
C MET A 573 -7.37 30.45 -4.55
C MET A 573 -7.40 30.43 -4.53
N LYS A 574 -6.50 29.81 -3.77
CA LYS A 574 -5.80 30.48 -2.67
C LYS A 574 -4.83 31.57 -3.16
N HIS A 575 -4.56 31.63 -4.48
CA HIS A 575 -3.58 32.53 -5.16
C HIS A 575 -4.26 33.31 -6.30
N PRO A 576 -5.35 34.04 -5.97
CA PRO A 576 -6.13 34.70 -7.03
C PRO A 576 -5.34 35.74 -7.85
N GLN A 577 -4.45 36.48 -7.20
CA GLN A 577 -3.67 37.51 -7.95
C GLN A 577 -2.71 36.86 -8.97
N GLU A 578 -2.09 35.72 -8.58
CA GLU A 578 -1.21 35.03 -9.53
C GLU A 578 -2.00 34.39 -10.65
N MET A 579 -3.19 33.87 -10.36
CA MET A 579 -4.01 33.31 -11.44
C MET A 579 -4.41 34.39 -12.51
N LYS A 580 -4.67 35.62 -12.04
CA LYS A 580 -4.94 36.74 -12.98
C LYS A 580 -3.70 37.13 -13.80
N THR A 581 -2.58 37.32 -13.11
CA THR A 581 -1.32 37.77 -13.75
C THR A 581 -0.81 36.80 -14.78
N TYR A 582 -0.82 35.49 -14.45
CA TYR A 582 -0.29 34.48 -15.36
C TYR A 582 -1.34 33.79 -16.22
N SER A 583 -2.60 34.29 -16.20
N SER A 583 -2.60 34.24 -16.16
CA SER A 583 -3.71 33.75 -17.00
CA SER A 583 -3.64 33.73 -17.05
C SER A 583 -3.87 32.23 -16.81
C SER A 583 -3.91 32.23 -16.81
N VAL A 584 -3.98 31.84 -15.54
CA VAL A 584 -4.15 30.41 -15.14
C VAL A 584 -5.63 30.01 -15.16
N SER A 585 -6.06 29.26 -16.17
CA SER A 585 -7.43 28.82 -16.33
C SER A 585 -7.59 27.30 -16.20
N PHE A 586 -8.59 26.90 -15.43
CA PHE A 586 -9.00 25.49 -15.33
C PHE A 586 -10.09 25.14 -16.34
N ASP A 587 -10.48 26.07 -17.25
CA ASP A 587 -11.61 25.78 -18.17
C ASP A 587 -11.46 24.48 -19.02
N SER A 588 -10.26 24.22 -19.55
CA SER A 588 -10.02 22.99 -20.31
C SER A 588 -10.28 21.71 -19.51
N LEU A 589 -9.89 21.69 -18.25
CA LEU A 589 -10.12 20.53 -17.38
C LEU A 589 -11.61 20.30 -17.08
N PHE A 590 -12.34 21.39 -16.70
CA PHE A 590 -13.78 21.25 -16.54
C PHE A 590 -14.48 20.82 -17.81
N SER A 591 -14.07 21.37 -18.97
CA SER A 591 -14.62 20.94 -20.27
C SER A 591 -14.42 19.45 -20.53
N ALA A 592 -13.18 18.97 -20.29
CA ALA A 592 -12.89 17.54 -20.46
C ALA A 592 -13.76 16.67 -19.54
N VAL A 593 -13.92 17.10 -18.28
CA VAL A 593 -14.75 16.35 -17.31
C VAL A 593 -16.23 16.30 -17.73
N LYS A 594 -16.79 17.44 -18.17
CA LYS A 594 -18.15 17.49 -18.78
C LYS A 594 -18.31 16.52 -19.94
N ASN A 595 -17.34 16.55 -20.87
CA ASN A 595 -17.35 15.64 -22.00
C ASN A 595 -17.28 14.18 -21.57
N PHE A 596 -16.42 13.88 -20.60
CA PHE A 596 -16.34 12.49 -20.07
C PHE A 596 -17.75 12.07 -19.51
N THR A 597 -18.39 12.98 -18.76
CA THR A 597 -19.70 12.70 -18.15
C THR A 597 -20.75 12.34 -19.25
N GLU A 598 -20.79 13.15 -20.33
CA GLU A 598 -21.75 12.96 -21.43
C GLU A 598 -21.47 11.68 -22.20
N ILE A 599 -20.20 11.48 -22.56
CA ILE A 599 -19.83 10.29 -23.35
C ILE A 599 -20.05 8.99 -22.54
N ALA A 600 -19.69 9.00 -21.26
CA ALA A 600 -19.92 7.83 -20.39
C ALA A 600 -21.42 7.47 -20.29
N SER A 601 -22.25 8.49 -20.14
CA SER A 601 -23.69 8.27 -20.09
C SER A 601 -24.24 7.60 -21.38
N LYS A 602 -23.83 8.09 -22.55
N LYS A 602 -23.84 8.09 -22.55
CA LYS A 602 -24.22 7.50 -23.82
CA LYS A 602 -24.24 7.47 -23.81
C LYS A 602 -23.64 6.09 -24.03
C LYS A 602 -23.68 6.05 -23.94
N PHE A 603 -22.43 5.84 -23.54
CA PHE A 603 -21.84 4.48 -23.52
C PHE A 603 -22.66 3.50 -22.70
N SER A 604 -23.06 3.94 -21.51
N SER A 604 -23.07 3.92 -21.51
CA SER A 604 -23.87 3.18 -20.57
CA SER A 604 -23.83 3.08 -20.60
C SER A 604 -25.19 2.70 -21.21
C SER A 604 -25.22 2.69 -21.19
N GLU A 605 -25.86 3.61 -21.91
CA GLU A 605 -27.11 3.27 -22.64
C GLU A 605 -26.88 2.18 -23.71
N ARG A 606 -25.78 2.30 -24.49
CA ARG A 606 -25.48 1.29 -25.50
C ARG A 606 -25.18 -0.05 -24.86
N LEU A 607 -24.52 0.01 -23.70
CA LEU A 607 -24.17 -1.22 -22.99
C LEU A 607 -25.41 -2.01 -22.52
N GLN A 608 -26.39 -1.31 -22.00
N GLN A 608 -26.53 -1.31 -22.30
CA GLN A 608 -27.54 -1.98 -21.44
CA GLN A 608 -27.85 -1.99 -22.17
C GLN A 608 -28.48 -2.57 -22.52
C GLN A 608 -28.70 -2.11 -23.45
N ASP A 609 -28.39 -2.02 -23.73
N ASP A 609 -28.54 -1.19 -24.40
CA ASP A 609 -29.27 -2.34 -24.88
CA ASP A 609 -29.30 -1.26 -25.64
C ASP A 609 -28.71 -3.31 -25.92
C ASP A 609 -28.77 -2.33 -26.59
N PHE A 610 -27.50 -3.05 -26.41
N PHE A 610 -27.48 -2.69 -26.49
CA PHE A 610 -26.99 -3.79 -27.57
CA PHE A 610 -26.80 -3.45 -27.57
C PHE A 610 -27.39 -5.20 -27.40
C PHE A 610 -27.22 -4.87 -27.68
N ASP A 611 -27.54 -5.52 -26.14
N ASP A 611 -26.71 -5.55 -28.72
CA ASP A 611 -27.35 -6.85 -25.65
CA ASP A 611 -27.20 -6.90 -29.11
C ASP A 611 -27.14 -7.93 -26.66
C ASP A 611 -26.80 -8.18 -28.27
N LYS A 612 -26.75 -9.08 -26.08
N LYS A 612 -25.62 -8.88 -28.27
CA LYS A 612 -25.73 -9.87 -26.56
CA LYS A 612 -25.59 -9.98 -27.18
C LYS A 612 -26.13 -11.11 -27.15
C LYS A 612 -24.80 -11.42 -27.14
N SER A 613 -26.84 -11.02 -28.30
N SER A 613 -25.40 -12.36 -27.87
CA SER A 613 -26.77 -12.06 -29.27
CA SER A 613 -24.92 -13.71 -28.10
C SER A 613 -25.37 -11.89 -29.96
C SER A 613 -24.08 -13.54 -29.33
N ASN A 614 -24.77 -10.69 -29.94
N ASN A 614 -23.77 -12.27 -29.63
CA ASN A 614 -23.57 -10.41 -30.79
CA ASN A 614 -22.90 -11.93 -30.75
C ASN A 614 -22.26 -10.37 -29.98
C ASN A 614 -21.45 -11.85 -30.23
N PRO A 615 -21.41 -11.41 -30.13
N PRO A 615 -20.67 -12.94 -30.41
CA PRO A 615 -20.30 -11.51 -29.19
CA PRO A 615 -19.37 -12.94 -29.72
C PRO A 615 -19.18 -10.55 -29.54
C PRO A 615 -18.38 -11.79 -30.05
N ILE A 616 -19.14 -10.10 -30.80
N ILE A 616 -18.29 -11.32 -31.29
CA ILE A 616 -18.11 -9.13 -31.23
CA ILE A 616 -17.30 -10.24 -31.58
C ILE A 616 -18.44 -7.75 -30.65
C ILE A 616 -17.79 -8.89 -31.05
N VAL A 617 -19.72 -7.39 -30.68
N VAL A 617 -19.10 -8.67 -31.08
CA VAL A 617 -20.18 -6.14 -30.07
CA VAL A 617 -19.66 -7.43 -30.53
C VAL A 617 -19.90 -6.20 -28.57
C VAL A 617 -19.50 -7.37 -29.00
N LEU A 618 -20.20 -7.35 -27.96
N LEU A 618 -19.74 -8.48 -28.32
CA LEU A 618 -19.95 -7.53 -26.52
CA LEU A 618 -19.49 -8.51 -26.88
C LEU A 618 -18.47 -7.32 -26.17
C LEU A 618 -17.99 -8.29 -26.60
N ARG A 619 -17.60 -8.01 -26.90
N ARG A 619 -17.13 -8.80 -27.47
CA ARG A 619 -16.18 -7.93 -26.65
CA ARG A 619 -15.72 -8.69 -27.23
C ARG A 619 -15.65 -6.52 -26.96
C ARG A 619 -15.24 -7.23 -27.40
N MET A 620 -16.24 -5.83 -27.92
N MET A 620 -15.73 -6.55 -28.44
CA MET A 620 -15.86 -4.45 -28.23
CA MET A 620 -15.46 -5.13 -28.60
C MET A 620 -16.14 -3.57 -27.04
C MET A 620 -15.89 -4.28 -27.38
N MET A 621 -17.33 -3.72 -26.47
N MET A 621 -17.10 -4.46 -26.83
CA MET A 621 -17.62 -2.94 -25.30
CA MET A 621 -17.61 -3.60 -25.71
C MET A 621 -16.90 -3.55 -24.05
C MET A 621 -16.82 -3.65 -24.38
N ASN A 622 -16.59 -4.88 -23.98
CA ASN A 622 -15.76 -5.33 -22.83
C ASN A 622 -14.32 -4.78 -22.98
N ASP A 623 -13.80 -4.73 -24.21
CA ASP A 623 -12.49 -4.13 -24.42
C ASP A 623 -12.49 -2.63 -24.07
N GLN A 624 -13.56 -1.90 -24.44
CA GLN A 624 -13.68 -0.47 -24.09
C GLN A 624 -13.70 -0.32 -22.55
N LEU A 625 -14.41 -1.21 -21.85
CA LEU A 625 -14.39 -1.23 -20.39
C LEU A 625 -12.99 -1.55 -19.79
N MET A 626 -12.33 -2.58 -20.32
CA MET A 626 -11.01 -2.99 -19.80
C MET A 626 -9.94 -1.89 -20.01
N PHE A 627 -9.98 -1.28 -21.19
CA PHE A 627 -8.98 -0.22 -21.59
C PHE A 627 -9.28 1.18 -21.09
N LEU A 628 -10.39 1.34 -20.36
CA LEU A 628 -10.70 2.67 -19.80
C LEU A 628 -9.72 3.05 -18.69
N GLU A 629 -9.43 2.16 -17.73
CA GLU A 629 -8.35 2.47 -16.75
C GLU A 629 -7.01 2.72 -17.44
N ARG A 630 -6.76 1.93 -18.47
CA ARG A 630 -5.51 2.02 -19.23
C ARG A 630 -5.32 3.36 -19.92
N ALA A 631 -6.44 3.98 -20.29
CA ALA A 631 -6.39 5.32 -20.92
C ALA A 631 -5.86 6.46 -20.06
N PHE A 632 -5.90 6.32 -18.72
CA PHE A 632 -5.33 7.30 -17.80
C PHE A 632 -3.81 7.29 -17.65
N ILE A 633 -3.11 6.34 -18.28
CA ILE A 633 -1.64 6.25 -18.31
C ILE A 633 -1.03 7.21 -19.36
N ASP A 634 -0.05 7.98 -18.91
CA ASP A 634 0.82 8.81 -19.79
C ASP A 634 2.13 8.07 -19.92
N PRO A 635 2.53 7.73 -21.15
CA PRO A 635 3.76 7.00 -21.30
C PRO A 635 5.01 7.82 -20.91
N LEU A 636 4.86 9.13 -20.78
CA LEU A 636 6.01 9.96 -20.29
C LEU A 636 6.17 10.02 -18.75
N GLY A 637 5.22 9.42 -18.01
CA GLY A 637 5.26 9.50 -16.55
C GLY A 637 5.00 10.88 -15.95
N LEU A 638 5.04 10.96 -14.62
CA LEU A 638 5.00 12.25 -13.90
C LEU A 638 6.42 12.80 -13.68
N PRO A 639 6.54 14.13 -13.47
CA PRO A 639 7.89 14.71 -13.34
C PRO A 639 8.82 14.06 -12.34
N ASP A 640 9.98 13.61 -12.84
N ASP A 640 9.97 13.62 -12.83
CA ASP A 640 11.00 12.89 -12.07
CA ASP A 640 10.99 12.92 -12.05
C ASP A 640 10.53 11.60 -11.40
C ASP A 640 10.51 11.62 -11.39
N ARG A 641 9.37 11.09 -11.84
CA ARG A 641 8.80 9.81 -11.34
C ARG A 641 8.26 9.01 -12.53
N PRO A 642 9.19 8.45 -13.34
CA PRO A 642 8.76 7.81 -14.60
C PRO A 642 7.90 6.60 -14.44
N PHE A 643 7.94 5.92 -13.28
CA PHE A 643 7.06 4.72 -13.06
C PHE A 643 5.69 5.02 -12.41
N TYR A 644 5.42 6.29 -12.13
CA TYR A 644 4.09 6.74 -11.79
C TYR A 644 3.50 7.39 -13.02
N ARG A 645 2.67 6.62 -13.75
N ARG A 645 2.74 6.58 -13.77
CA ARG A 645 2.21 7.04 -15.09
CA ARG A 645 2.27 6.92 -15.12
C ARG A 645 0.72 7.39 -15.16
C ARG A 645 0.75 7.31 -15.18
N HIS A 646 -0.03 7.01 -14.11
CA HIS A 646 -1.46 7.29 -14.04
C HIS A 646 -1.64 8.79 -13.76
N VAL A 647 -2.45 9.48 -14.57
CA VAL A 647 -2.56 10.96 -14.44
C VAL A 647 -3.58 11.37 -13.36
N ILE A 648 -4.54 10.49 -13.06
CA ILE A 648 -5.54 10.82 -11.98
C ILE A 648 -5.03 10.54 -10.58
N TYR A 649 -4.29 9.43 -10.38
CA TYR A 649 -3.88 8.94 -9.05
C TYR A 649 -2.37 8.61 -8.99
N ALA A 650 -1.64 9.22 -8.03
CA ALA A 650 -0.27 8.78 -7.66
C ALA A 650 -0.18 8.74 -6.14
N PRO A 651 0.78 7.99 -5.63
CA PRO A 651 1.09 8.10 -4.21
C PRO A 651 1.56 9.51 -3.88
N SER A 652 1.09 10.06 -2.76
CA SER A 652 1.54 11.38 -2.34
C SER A 652 3.06 11.50 -2.28
N SER A 653 3.59 12.58 -2.88
CA SER A 653 5.04 12.93 -2.76
C SER A 653 5.54 13.10 -1.34
N HIS A 654 4.63 13.30 -0.39
CA HIS A 654 4.95 13.49 1.04
C HIS A 654 4.62 12.26 1.88
N ASN A 655 3.94 11.25 1.32
CA ASN A 655 3.49 10.11 2.11
C ASN A 655 3.04 8.98 1.17
N LYS A 656 3.91 7.99 0.94
CA LYS A 656 3.63 6.89 0.01
C LYS A 656 2.35 6.14 0.32
N TYR A 657 1.90 6.08 1.58
CA TYR A 657 0.61 5.40 1.91
C TYR A 657 -0.63 6.06 1.40
N ALA A 658 -0.61 7.39 1.22
CA ALA A 658 -1.79 8.17 0.85
C ALA A 658 -1.87 8.37 -0.67
N GLY A 659 -3.06 8.27 -1.25
CA GLY A 659 -3.21 8.68 -2.64
C GLY A 659 -3.44 10.16 -2.82
N GLU A 660 -2.95 10.71 -3.92
CA GLU A 660 -3.25 12.08 -4.30
C GLU A 660 -3.94 12.10 -5.65
N SER A 661 -4.98 12.95 -5.80
CA SER A 661 -5.70 13.13 -7.06
C SER A 661 -5.13 14.29 -7.88
N PHE A 662 -5.19 14.19 -9.23
CA PHE A 662 -4.40 15.12 -10.14
C PHE A 662 -3.01 15.48 -9.60
N PRO A 663 -2.16 14.45 -9.35
CA PRO A 663 -0.88 14.69 -8.70
C PRO A 663 0.07 15.63 -9.39
N GLY A 664 0.02 15.67 -10.72
CA GLY A 664 0.85 16.53 -11.49
C GLY A 664 0.59 18.00 -11.13
N ILE A 665 -0.68 18.37 -11.14
CA ILE A 665 -1.14 19.75 -10.78
C ILE A 665 -0.89 20.01 -9.27
N TYR A 666 -1.23 19.05 -8.41
CA TYR A 666 -1.04 19.22 -6.99
C TYR A 666 0.40 19.57 -6.62
N ASP A 667 1.36 18.79 -7.17
CA ASP A 667 2.77 19.01 -6.84
C ASP A 667 3.27 20.33 -7.47
N ALA A 668 2.76 20.71 -8.62
CA ALA A 668 3.15 22.02 -9.18
C ALA A 668 2.70 23.21 -8.29
N LEU A 669 1.56 23.05 -7.67
CA LEU A 669 1.00 24.08 -6.71
C LEU A 669 1.58 24.07 -5.28
N PHE A 670 2.12 22.95 -4.85
CA PHE A 670 2.55 22.80 -3.48
C PHE A 670 3.68 23.76 -3.11
N ASP A 671 3.43 24.56 -2.08
CA ASP A 671 4.43 25.54 -1.54
C ASP A 671 4.84 26.56 -2.62
N ILE A 672 3.96 26.82 -3.61
CA ILE A 672 4.35 27.62 -4.77
C ILE A 672 4.79 29.04 -4.36
N GLU A 673 4.18 29.56 -3.28
CA GLU A 673 4.51 30.92 -2.77
C GLU A 673 5.96 31.06 -2.30
N SER A 674 6.69 29.96 -2.11
CA SER A 674 8.12 29.97 -1.78
C SER A 674 9.11 29.89 -2.95
N LYS A 675 8.64 29.71 -4.18
CA LYS A 675 9.54 29.59 -5.34
C LYS A 675 10.10 30.96 -5.78
N VAL A 676 11.35 30.93 -6.21
N VAL A 676 11.37 31.02 -6.14
CA VAL A 676 12.12 32.15 -6.52
CA VAL A 676 12.01 32.33 -6.47
C VAL A 676 11.55 32.82 -7.78
C VAL A 676 11.74 32.83 -7.90
N ASP A 677 11.17 32.00 -8.76
CA ASP A 677 10.74 32.44 -10.09
C ASP A 677 9.25 32.08 -10.30
N PRO A 678 8.33 32.94 -9.86
CA PRO A 678 6.91 32.66 -9.97
C PRO A 678 6.39 32.48 -11.39
N SER A 679 6.96 33.21 -12.37
N SER A 679 6.94 33.21 -12.37
CA SER A 679 6.47 33.04 -13.74
CA SER A 679 6.50 33.02 -13.76
C SER A 679 6.74 31.58 -14.23
C SER A 679 6.74 31.59 -14.23
N LYS A 680 7.93 31.06 -13.92
CA LYS A 680 8.27 29.68 -14.24
C LYS A 680 7.39 28.66 -13.47
N ALA A 681 7.17 28.89 -12.18
CA ALA A 681 6.33 27.98 -11.35
C ALA A 681 4.86 27.90 -11.84
N TRP A 682 4.26 29.06 -12.12
CA TRP A 682 2.92 29.12 -12.68
C TRP A 682 2.80 28.60 -14.10
N GLY A 683 3.86 28.78 -14.90
CA GLY A 683 3.98 28.12 -16.22
C GLY A 683 3.83 26.61 -16.12
N GLU A 684 4.48 26.04 -15.10
CA GLU A 684 4.44 24.56 -14.91
C GLU A 684 3.06 24.12 -14.38
N VAL A 685 2.41 24.96 -13.56
CA VAL A 685 1.00 24.68 -13.19
C VAL A 685 0.15 24.55 -14.46
N LYS A 686 0.29 25.53 -15.35
N LYS A 686 0.28 25.54 -15.35
CA LYS A 686 -0.48 25.53 -16.60
CA LYS A 686 -0.47 25.56 -16.62
C LYS A 686 -0.19 24.31 -17.49
C LYS A 686 -0.18 24.34 -17.50
N ARG A 687 1.10 23.95 -17.58
CA ARG A 687 1.48 22.76 -18.34
C ARG A 687 0.75 21.51 -17.79
N GLN A 688 0.73 21.37 -16.45
CA GLN A 688 0.05 20.22 -15.83
C GLN A 688 -1.47 20.25 -16.05
N ILE A 689 -2.10 21.44 -16.01
CA ILE A 689 -3.51 21.55 -16.39
C ILE A 689 -3.80 20.98 -17.78
N TYR A 690 -3.00 21.38 -18.76
CA TYR A 690 -3.07 20.89 -20.17
C TYR A 690 -2.95 19.39 -20.23
N VAL A 691 -1.94 18.86 -19.57
CA VAL A 691 -1.76 17.38 -19.55
C VAL A 691 -2.96 16.62 -19.00
N ALA A 692 -3.48 17.08 -17.86
CA ALA A 692 -4.66 16.49 -17.26
C ALA A 692 -5.90 16.60 -18.11
N ALA A 693 -6.18 17.80 -18.64
CA ALA A 693 -7.35 17.97 -19.51
C ALA A 693 -7.32 17.08 -20.77
N PHE A 694 -6.15 17.04 -21.40
CA PHE A 694 -5.95 16.19 -22.57
C PHE A 694 -6.19 14.72 -22.21
N THR A 695 -5.63 14.29 -21.08
CA THR A 695 -5.74 12.85 -20.75
C THR A 695 -7.19 12.46 -20.43
N VAL A 696 -7.93 13.32 -19.71
CA VAL A 696 -9.32 13.07 -19.43
C VAL A 696 -10.16 13.00 -20.71
N GLN A 697 -9.96 13.94 -21.65
CA GLN A 697 -10.65 13.93 -22.96
C GLN A 697 -10.28 12.64 -23.78
N ALA A 698 -9.01 12.30 -23.77
CA ALA A 698 -8.53 11.09 -24.47
C ALA A 698 -9.14 9.82 -23.92
N ALA A 699 -9.27 9.74 -22.58
CA ALA A 699 -9.98 8.63 -21.91
C ALA A 699 -11.47 8.60 -22.27
N ALA A 700 -12.14 9.76 -22.23
CA ALA A 700 -13.53 9.84 -22.74
C ALA A 700 -13.72 9.28 -24.12
N GLU A 701 -12.82 9.70 -25.04
CA GLU A 701 -12.89 9.30 -26.43
C GLU A 701 -12.76 7.80 -26.69
N THR A 702 -12.17 7.03 -25.75
CA THR A 702 -12.16 5.57 -25.89
C THR A 702 -13.54 4.94 -25.73
N LEU A 703 -14.46 5.68 -25.11
CA LEU A 703 -15.81 5.25 -24.89
C LEU A 703 -16.77 5.73 -25.98
N SER A 704 -16.33 6.65 -26.88
CA SER A 704 -17.15 7.00 -28.07
C SER A 704 -17.40 5.77 -28.98
N GLU A 705 -18.39 5.84 -29.87
CA GLU A 705 -18.50 4.79 -30.90
C GLU A 705 -17.17 4.68 -31.69
N VAL A 706 -16.79 3.46 -32.01
CA VAL A 706 -15.43 3.19 -32.46
C VAL A 706 -15.16 3.59 -33.92
N ALA A 707 -16.23 3.76 -34.71
CA ALA A 707 -16.12 4.15 -36.09
C ALA A 707 -17.49 4.61 -36.58
#